data_8SA9
#
_entry.id   8SA9
#
_cell.length_a   87.313
_cell.length_b   131.511
_cell.length_c   82.585
_cell.angle_alpha   90.00
_cell.angle_beta   103.81
_cell.angle_gamma   90.00
#
_symmetry.space_group_name_H-M   'C 1 2 1'
#
loop_
_entity.id
_entity.type
_entity.pdbx_description
1 polymer 'Cystathionine beta-lyase'
2 non-polymer '[({3-hydroxy-2-methyl-5-[(phosphonooxy)methyl]pyridin-4-yl}methyl)amino](oxo)acetic acid'
3 non-polymer "PYRIDOXAL-5'-PHOSPHATE"
4 non-polymer 'CITRATE ANION'
5 water water
#
_entity_poly.entity_id   1
_entity_poly.type   'polypeptide(L)'
_entity_poly.pdbx_seq_one_letter_code
;MAHHHHHHMADKHLDTALVNAGRRKKYTQGSVNSVIQRASSLVFDTVEAKKHATRNRAKGELFYGRRGTLTHFSLQEAMC
ELEGGAGCALFPCGAAAVANTILAFVEQGDHVLMTNTAYEPSQDFCTKILAKLGVTTGWFDPLIGADIANLIQPNTKVVF
LESPGSITMEVHDVPAIVAAVRRVAPEAIIMIDNTWAAGVLFKALDFGIDISIQAATKYLIGHSDGMIGTAVANARCWEQ
LCENAYLMGQMIDADTAYMTSRGLRTLGVRLRQHHESSLRVAEWLAQHPQVARVNHPALPGSKGHEFWKRDFSGSSGLFS
FVLNKRLTDAELAAYLDNFSLFSMAYSWGGFESLILANQPEHIAAIRPEAEVDFSGTLIRLHIGLENVDDLLADLAAGFA
RIV
;
_entity_poly.pdbx_strand_id   A,B
#
# COMPACT_ATOMS: atom_id res chain seq x y z
N HIS A 13 -0.77 -5.03 -19.32
CA HIS A 13 -0.80 -5.82 -18.09
C HIS A 13 -1.41 -5.00 -16.96
N LEU A 14 -2.23 -5.68 -16.14
CA LEU A 14 -2.93 -4.99 -15.07
C LEU A 14 -1.96 -4.31 -14.12
N ASP A 15 -0.86 -4.97 -13.74
CA ASP A 15 0.04 -4.35 -12.78
C ASP A 15 0.61 -3.03 -13.32
N THR A 16 0.97 -3.01 -14.60
CA THR A 16 1.50 -1.78 -15.19
C THR A 16 0.42 -0.70 -15.26
N ALA A 17 -0.79 -1.10 -15.65
CA ALA A 17 -1.90 -0.16 -15.71
C ALA A 17 -2.22 0.42 -14.35
N LEU A 18 -2.21 -0.42 -13.30
CA LEU A 18 -2.49 0.09 -11.96
C LEU A 18 -1.45 1.12 -11.53
N VAL A 19 -0.18 0.90 -11.85
CA VAL A 19 0.85 1.84 -11.46
C VAL A 19 0.68 3.17 -12.17
N ASN A 20 0.23 3.13 -13.43
CA ASN A 20 0.23 4.31 -14.27
C ASN A 20 -1.12 5.02 -14.40
N ALA A 21 -2.20 4.39 -13.98
CA ALA A 21 -3.54 4.90 -14.28
C ALA A 21 -3.76 6.29 -13.69
N GLY A 22 -4.28 7.19 -14.50
CA GLY A 22 -4.57 8.55 -14.08
C GLY A 22 -3.39 9.48 -13.96
N ARG A 23 -2.18 9.00 -14.14
CA ARG A 23 -1.00 9.82 -13.92
C ARG A 23 -0.60 10.45 -15.25
N ARG A 24 -0.98 11.71 -15.41
CA ARG A 24 -0.56 12.57 -16.50
C ARG A 24 0.03 13.82 -15.87
N LYS A 25 0.95 14.47 -16.60
CA LYS A 25 1.68 15.60 -16.07
C LYS A 25 0.75 16.72 -15.60
N LYS A 26 -0.38 16.95 -16.27
N LYS A 26 -0.37 16.92 -16.32
CA LYS A 26 -1.20 18.05 -15.80
CA LYS A 26 -1.41 17.87 -15.91
C LYS A 26 -1.75 17.80 -14.40
C LYS A 26 -1.67 17.78 -14.42
N TYR A 27 -1.78 16.55 -13.93
CA TYR A 27 -2.20 16.28 -12.55
C TYR A 27 -1.02 16.10 -11.60
N THR A 28 0.11 15.59 -12.08
CA THR A 28 1.23 15.25 -11.20
C THR A 28 2.24 16.39 -11.07
N GLN A 29 2.39 17.17 -12.14
N GLN A 29 2.35 17.25 -12.09
CA GLN A 29 3.18 18.41 -12.12
CA GLN A 29 3.12 18.49 -11.96
C GLN A 29 4.53 18.20 -11.49
C GLN A 29 4.57 18.26 -11.53
N GLY A 30 5.15 17.10 -11.87
CA GLY A 30 6.52 16.78 -11.53
C GLY A 30 6.67 15.70 -10.48
N SER A 31 5.64 15.40 -9.71
CA SER A 31 5.73 14.33 -8.73
C SER A 31 5.28 13.01 -9.34
N VAL A 32 5.50 11.91 -8.63
CA VAL A 32 4.98 10.63 -9.07
C VAL A 32 3.47 10.60 -8.97
N ASN A 33 2.92 11.04 -7.84
CA ASN A 33 1.49 11.04 -7.59
C ASN A 33 0.87 12.38 -7.97
N SER A 34 -0.45 12.38 -8.15
N SER A 34 -0.45 12.38 -8.16
CA SER A 34 -1.13 13.63 -8.40
CA SER A 34 -1.15 13.64 -8.38
C SER A 34 -0.94 14.61 -7.25
C SER A 34 -0.87 14.60 -7.24
N VAL A 35 -0.97 15.89 -7.56
CA VAL A 35 -1.06 16.89 -6.50
C VAL A 35 -2.41 16.73 -5.80
N ILE A 36 -2.45 17.20 -4.56
N ILE A 36 -2.47 17.23 -4.58
CA ILE A 36 -3.69 17.35 -3.83
CA ILE A 36 -3.71 17.33 -3.81
C ILE A 36 -4.07 18.81 -3.99
C ILE A 36 -4.14 18.79 -3.87
N GLN A 37 -5.18 19.06 -4.65
CA GLN A 37 -5.72 20.40 -4.85
C GLN A 37 -7.00 20.48 -4.05
N ARG A 38 -6.93 21.15 -2.92
CA ARG A 38 -8.07 21.34 -2.03
C ARG A 38 -8.75 22.63 -2.43
N ALA A 39 -10.03 22.56 -2.83
CA ALA A 39 -10.71 23.76 -3.29
C ALA A 39 -12.21 23.58 -3.29
N SER A 40 -12.91 24.65 -2.91
CA SER A 40 -14.27 24.89 -3.35
C SER A 40 -14.17 25.88 -4.52
N SER A 41 -13.92 27.14 -4.23
CA SER A 41 -13.71 28.14 -5.28
C SER A 41 -12.57 27.76 -6.22
N LEU A 42 -12.83 27.87 -7.50
CA LEU A 42 -11.82 27.75 -8.54
C LEU A 42 -11.86 29.02 -9.39
N VAL A 43 -10.71 29.62 -9.60
CA VAL A 43 -10.65 30.99 -10.09
C VAL A 43 -10.61 31.03 -11.60
N PHE A 44 -11.32 31.98 -12.17
CA PHE A 44 -11.36 32.24 -13.60
C PHE A 44 -10.63 33.55 -13.86
N ASP A 45 -9.60 33.52 -14.69
CA ASP A 45 -8.84 34.74 -14.89
C ASP A 45 -9.58 35.76 -15.75
N THR A 46 -10.49 35.30 -16.61
CA THR A 46 -11.24 36.15 -17.51
C THR A 46 -12.65 35.57 -17.67
N VAL A 47 -13.53 36.42 -18.20
CA VAL A 47 -14.87 35.98 -18.59
C VAL A 47 -14.78 34.83 -19.58
N GLU A 48 -13.86 34.91 -20.54
N GLU A 48 -13.88 34.91 -20.56
CA GLU A 48 -13.75 33.83 -21.52
CA GLU A 48 -13.78 33.81 -21.52
C GLU A 48 -13.31 32.53 -20.87
C GLU A 48 -13.37 32.52 -20.82
N ALA A 49 -12.42 32.61 -19.89
CA ALA A 49 -12.01 31.39 -19.16
C ALA A 49 -13.18 30.81 -18.39
N LYS A 50 -14.01 31.67 -17.79
CA LYS A 50 -15.18 31.19 -17.08
C LYS A 50 -16.16 30.49 -18.02
N LYS A 51 -16.37 31.04 -19.22
CA LYS A 51 -17.26 30.41 -20.19
C LYS A 51 -16.73 29.03 -20.60
N HIS A 52 -15.42 28.95 -20.84
CA HIS A 52 -14.81 27.68 -21.23
C HIS A 52 -14.93 26.66 -20.11
N ALA A 53 -14.69 27.09 -18.89
CA ALA A 53 -14.79 26.18 -17.76
C ALA A 53 -16.22 25.69 -17.59
N THR A 54 -17.19 26.60 -17.78
CA THR A 54 -18.59 26.21 -17.67
C THR A 54 -18.94 25.14 -18.70
N ARG A 55 -18.56 25.37 -19.96
N ARG A 55 -18.53 25.35 -19.95
CA ARG A 55 -18.82 24.37 -20.99
CA ARG A 55 -18.81 24.39 -21.00
C ARG A 55 -18.24 23.02 -20.61
C ARG A 55 -18.18 23.05 -20.71
N ASN A 56 -17.06 23.03 -19.98
CA ASN A 56 -16.29 21.84 -19.71
C ASN A 56 -16.35 21.42 -18.26
N ARG A 57 -17.43 21.81 -17.57
CA ARG A 57 -17.54 21.61 -16.14
C ARG A 57 -17.61 20.14 -15.73
N ALA A 58 -18.01 19.25 -16.63
CA ALA A 58 -18.02 17.81 -16.35
C ALA A 58 -16.96 17.09 -17.16
N LYS A 59 -16.07 17.83 -17.80
CA LYS A 59 -15.11 17.27 -18.74
C LYS A 59 -13.67 17.63 -18.36
N GLY A 60 -13.40 17.77 -17.07
CA GLY A 60 -12.03 17.86 -16.62
C GLY A 60 -11.40 19.23 -16.71
N GLU A 61 -12.20 20.29 -16.82
CA GLU A 61 -11.69 21.65 -16.68
C GLU A 61 -12.11 22.17 -15.32
N LEU A 62 -11.22 22.89 -14.66
CA LEU A 62 -11.50 23.42 -13.33
C LEU A 62 -12.65 24.42 -13.39
N PHE A 63 -13.69 24.16 -12.59
CA PHE A 63 -14.92 24.93 -12.63
C PHE A 63 -15.40 25.23 -11.22
N TYR A 64 -15.61 24.20 -10.42
CA TYR A 64 -16.03 24.39 -9.05
C TYR A 64 -15.73 23.10 -8.30
N GLY A 65 -15.35 23.22 -7.03
CA GLY A 65 -14.88 22.05 -6.29
C GLY A 65 -15.89 20.93 -6.16
N ARG A 66 -17.19 21.21 -6.25
CA ARG A 66 -18.18 20.14 -6.20
C ARG A 66 -18.07 19.22 -7.40
N ARG A 67 -17.62 19.76 -8.55
CA ARG A 67 -17.34 18.95 -9.75
C ARG A 67 -16.00 18.24 -9.63
N GLY A 68 -15.06 18.81 -8.91
CA GLY A 68 -13.75 18.23 -8.68
C GLY A 68 -12.63 19.21 -8.94
N THR A 69 -11.46 18.82 -8.46
CA THR A 69 -10.21 19.50 -8.74
C THR A 69 -9.31 18.55 -9.51
N LEU A 70 -8.06 18.97 -9.78
CA LEU A 70 -7.12 18.11 -10.49
C LEU A 70 -7.05 16.73 -9.87
N THR A 71 -7.14 16.66 -8.54
CA THR A 71 -6.94 15.39 -7.85
C THR A 71 -8.08 14.42 -8.19
N HIS A 72 -9.30 14.92 -8.19
CA HIS A 72 -10.44 14.12 -8.60
C HIS A 72 -10.33 13.70 -10.06
N PHE A 73 -9.95 14.63 -10.93
CA PHE A 73 -9.89 14.32 -12.35
C PHE A 73 -8.92 13.17 -12.59
N SER A 74 -7.81 13.16 -11.85
CA SER A 74 -6.83 12.09 -12.00
C SER A 74 -7.40 10.74 -11.60
N LEU A 75 -8.09 10.68 -10.46
CA LEU A 75 -8.74 9.44 -10.04
C LEU A 75 -9.79 9.01 -11.04
N GLN A 76 -10.60 9.96 -11.52
CA GLN A 76 -11.65 9.60 -12.48
C GLN A 76 -11.06 9.00 -13.74
N GLU A 77 -9.98 9.61 -14.26
N GLU A 77 -9.97 9.59 -14.23
CA GLU A 77 -9.33 9.04 -15.43
CA GLU A 77 -9.32 9.05 -15.42
C GLU A 77 -8.83 7.63 -15.13
C GLU A 77 -8.77 7.66 -15.16
N ALA A 78 -8.21 7.43 -13.98
CA ALA A 78 -7.71 6.11 -13.61
C ALA A 78 -8.83 5.09 -13.61
N MET A 79 -9.97 5.41 -12.98
CA MET A 79 -11.06 4.47 -12.88
C MET A 79 -11.66 4.16 -14.24
N CYS A 80 -11.77 5.18 -15.09
CA CYS A 80 -12.28 4.94 -16.43
C CYS A 80 -11.37 4.01 -17.21
N GLU A 81 -10.06 4.18 -17.06
N GLU A 81 -10.06 4.20 -17.10
CA GLU A 81 -9.08 3.33 -17.75
CA GLU A 81 -9.15 3.30 -17.78
C GLU A 81 -9.14 1.90 -17.23
C GLU A 81 -9.31 1.89 -17.24
N LEU A 82 -9.22 1.73 -15.92
CA LEU A 82 -9.19 0.39 -15.34
C LEU A 82 -10.48 -0.38 -15.53
N GLU A 83 -11.62 0.30 -15.51
CA GLU A 83 -12.90 -0.36 -15.65
C GLU A 83 -13.49 -0.20 -17.04
N GLY A 84 -12.80 0.46 -17.96
CA GLY A 84 -13.26 0.54 -19.33
C GLY A 84 -14.52 1.34 -19.53
N GLY A 85 -14.66 2.46 -18.83
CA GLY A 85 -15.84 3.28 -18.87
C GLY A 85 -15.64 4.64 -19.53
N ALA A 86 -16.76 5.31 -19.73
CA ALA A 86 -16.81 6.65 -20.28
C ALA A 86 -16.70 7.73 -19.21
N GLY A 87 -17.08 7.43 -17.97
CA GLY A 87 -16.98 8.41 -16.91
C GLY A 87 -17.06 7.71 -15.58
N CYS A 88 -16.56 8.36 -14.54
CA CYS A 88 -16.58 7.85 -13.19
C CYS A 88 -17.09 8.93 -12.25
N ALA A 89 -18.20 8.64 -11.58
CA ALA A 89 -18.75 9.54 -10.56
C ALA A 89 -18.23 9.12 -9.20
N LEU A 90 -17.99 10.11 -8.33
CA LEU A 90 -17.43 9.90 -7.01
C LEU A 90 -18.44 10.26 -5.91
N PHE A 91 -18.34 9.56 -4.79
CA PHE A 91 -19.33 9.61 -3.73
C PHE A 91 -18.64 9.50 -2.38
N PRO A 92 -19.33 9.89 -1.30
CA PRO A 92 -18.69 9.86 0.03
C PRO A 92 -18.42 8.47 0.56
N CYS A 93 -19.10 7.45 0.06
CA CYS A 93 -18.86 6.08 0.49
C CYS A 93 -19.53 5.15 -0.51
N GLY A 94 -19.31 3.85 -0.35
CA GLY A 94 -19.96 2.89 -1.20
C GLY A 94 -21.48 2.91 -1.12
N ALA A 95 -22.05 3.06 0.08
CA ALA A 95 -23.50 3.07 0.19
C ALA A 95 -24.07 4.27 -0.53
N ALA A 96 -23.36 5.40 -0.50
CA ALA A 96 -23.83 6.57 -1.24
C ALA A 96 -23.76 6.33 -2.74
N ALA A 97 -22.71 5.64 -3.21
CA ALA A 97 -22.61 5.31 -4.63
C ALA A 97 -23.77 4.42 -5.05
N VAL A 98 -24.08 3.38 -4.27
CA VAL A 98 -25.19 2.49 -4.63
C VAL A 98 -26.50 3.28 -4.67
N ALA A 99 -26.81 3.96 -3.57
CA ALA A 99 -28.10 4.63 -3.47
C ALA A 99 -28.26 5.70 -4.54
N ASN A 100 -27.23 6.49 -4.76
CA ASN A 100 -27.34 7.58 -5.70
C ASN A 100 -27.23 7.13 -7.16
N THR A 101 -26.53 6.03 -7.43
CA THR A 101 -26.50 5.53 -8.80
C THR A 101 -27.85 4.95 -9.18
N ILE A 102 -28.48 4.18 -8.28
CA ILE A 102 -29.84 3.73 -8.56
C ILE A 102 -30.78 4.92 -8.70
N LEU A 103 -30.74 5.85 -7.74
CA LEU A 103 -31.68 6.97 -7.77
C LEU A 103 -31.56 7.75 -9.06
N ALA A 104 -30.35 7.89 -9.59
CA ALA A 104 -30.12 8.66 -10.80
C ALA A 104 -30.90 8.15 -12.00
N PHE A 105 -31.33 6.89 -11.99
CA PHE A 105 -31.96 6.27 -13.15
C PHE A 105 -33.43 5.94 -12.95
N VAL A 106 -34.07 6.34 -11.86
CA VAL A 106 -35.46 5.97 -11.59
C VAL A 106 -36.34 7.20 -11.39
N GLU A 107 -37.63 6.95 -11.53
CA GLU A 107 -38.67 7.93 -11.31
C GLU A 107 -39.93 7.17 -10.91
N GLN A 108 -40.93 7.90 -10.42
CA GLN A 108 -42.19 7.30 -10.04
C GLN A 108 -42.68 6.39 -11.18
N GLY A 109 -43.10 5.19 -10.81
CA GLY A 109 -43.64 4.23 -11.73
C GLY A 109 -42.64 3.22 -12.23
N ASP A 110 -41.35 3.41 -11.96
CA ASP A 110 -40.34 2.47 -12.40
C ASP A 110 -40.26 1.29 -11.43
N HIS A 111 -39.63 0.21 -11.92
CA HIS A 111 -39.37 -1.02 -11.18
C HIS A 111 -37.88 -1.34 -11.26
N VAL A 112 -37.35 -1.76 -10.12
CA VAL A 112 -35.97 -2.23 -9.97
C VAL A 112 -36.03 -3.72 -9.67
N LEU A 113 -35.12 -4.47 -10.27
N LEU A 113 -35.22 -4.50 -10.38
CA LEU A 113 -35.00 -5.91 -10.06
CA LEU A 113 -34.96 -5.89 -10.01
C LEU A 113 -33.60 -6.16 -9.48
C LEU A 113 -33.59 -5.94 -9.35
N MET A 114 -33.54 -6.57 -8.20
CA MET A 114 -32.29 -6.64 -7.43
C MET A 114 -32.05 -8.06 -6.91
N THR A 115 -30.80 -8.49 -6.96
CA THR A 115 -30.47 -9.79 -6.39
C THR A 115 -30.81 -9.82 -4.90
N ASN A 116 -31.34 -10.95 -4.43
CA ASN A 116 -31.70 -11.05 -3.02
C ASN A 116 -30.50 -11.20 -2.10
N THR A 117 -29.31 -11.31 -2.66
CA THR A 117 -28.03 -11.33 -1.95
C THR A 117 -27.35 -9.97 -1.95
N ALA A 118 -28.04 -8.90 -2.35
CA ALA A 118 -27.45 -7.59 -2.30
C ALA A 118 -27.11 -7.20 -0.87
N TYR A 119 -26.05 -6.40 -0.76
CA TYR A 119 -25.68 -5.79 0.51
C TYR A 119 -26.91 -5.18 1.19
N GLU A 120 -27.03 -5.40 2.50
CA GLU A 120 -28.26 -5.03 3.20
C GLU A 120 -28.58 -3.55 3.09
N PRO A 121 -27.64 -2.62 3.25
CA PRO A 121 -27.97 -1.20 3.03
C PRO A 121 -28.49 -0.89 1.64
N SER A 122 -28.07 -1.64 0.61
CA SER A 122 -28.61 -1.46 -0.73
C SER A 122 -30.08 -1.84 -0.75
N GLN A 123 -30.41 -2.96 -0.14
CA GLN A 123 -31.80 -3.38 -0.04
C GLN A 123 -32.61 -2.36 0.73
N ASP A 124 -32.09 -1.87 1.86
CA ASP A 124 -32.84 -0.94 2.69
C ASP A 124 -33.04 0.41 1.99
N PHE A 125 -32.08 0.84 1.18
CA PHE A 125 -32.33 2.00 0.34
C PHE A 125 -33.56 1.75 -0.54
N CYS A 126 -33.64 0.58 -1.15
CA CYS A 126 -34.77 0.30 -2.03
C CYS A 126 -36.09 0.27 -1.25
N THR A 127 -36.13 -0.39 -0.10
CA THR A 127 -37.40 -0.56 0.58
C THR A 127 -37.79 0.65 1.40
N LYS A 128 -36.83 1.38 1.95
CA LYS A 128 -37.09 2.48 2.85
C LYS A 128 -37.07 3.85 2.17
N ILE A 129 -36.33 3.99 1.08
CA ILE A 129 -36.29 5.25 0.34
C ILE A 129 -37.08 5.16 -0.96
N LEU A 130 -36.74 4.21 -1.83
CA LEU A 130 -37.37 4.20 -3.15
C LEU A 130 -38.86 3.94 -3.09
N ALA A 131 -39.30 3.00 -2.26
CA ALA A 131 -40.70 2.59 -2.35
C ALA A 131 -41.63 3.77 -2.13
N LYS A 132 -41.36 4.58 -1.11
CA LYS A 132 -42.24 5.69 -0.82
C LYS A 132 -42.18 6.79 -1.88
N LEU A 133 -41.18 6.76 -2.76
CA LEU A 133 -41.04 7.66 -3.89
C LEU A 133 -41.58 7.04 -5.17
N GLY A 134 -42.34 5.95 -5.06
CA GLY A 134 -43.02 5.40 -6.20
C GLY A 134 -42.20 4.49 -7.07
N VAL A 135 -41.09 3.96 -6.56
CA VAL A 135 -40.26 3.03 -7.31
C VAL A 135 -40.29 1.69 -6.58
N THR A 136 -40.79 0.66 -7.25
CA THR A 136 -40.91 -0.67 -6.67
C THR A 136 -39.65 -1.47 -6.91
N THR A 137 -39.41 -2.46 -6.04
CA THR A 137 -38.27 -3.35 -6.15
C THR A 137 -38.73 -4.79 -6.03
N GLY A 138 -38.34 -5.60 -7.00
CA GLY A 138 -38.50 -7.04 -6.95
C GLY A 138 -37.13 -7.70 -6.83
N TRP A 139 -37.17 -8.97 -6.47
CA TRP A 139 -36.01 -9.71 -6.01
C TRP A 139 -35.80 -10.96 -6.85
N PHE A 140 -34.54 -11.41 -6.96
CA PHE A 140 -34.26 -12.64 -7.64
C PHE A 140 -33.14 -13.41 -6.97
N ASP A 141 -33.21 -14.73 -7.10
CA ASP A 141 -32.16 -15.62 -6.63
C ASP A 141 -30.89 -15.39 -7.46
N PRO A 142 -29.71 -15.37 -6.84
CA PRO A 142 -28.50 -15.02 -7.58
C PRO A 142 -28.14 -15.99 -8.69
N LEU A 143 -28.62 -17.24 -8.63
CA LEU A 143 -28.35 -18.26 -9.63
C LEU A 143 -29.46 -18.34 -10.68
N ILE A 144 -30.30 -17.32 -10.77
CA ILE A 144 -31.43 -17.37 -11.70
C ILE A 144 -30.98 -17.45 -13.15
N GLY A 145 -29.84 -16.84 -13.49
CA GLY A 145 -29.37 -16.88 -14.86
C GLY A 145 -30.39 -16.41 -15.86
N ALA A 146 -30.55 -17.18 -16.94
CA ALA A 146 -31.41 -16.78 -18.05
C ALA A 146 -32.87 -16.65 -17.64
N ASP A 147 -33.27 -17.27 -16.54
CA ASP A 147 -34.66 -17.19 -16.14
C ASP A 147 -35.05 -15.83 -15.59
N ILE A 148 -34.11 -14.89 -15.47
CA ILE A 148 -34.48 -13.55 -15.06
C ILE A 148 -35.41 -12.93 -16.08
N ALA A 149 -35.40 -13.39 -17.33
CA ALA A 149 -36.27 -12.81 -18.34
C ALA A 149 -37.72 -12.81 -17.89
N ASN A 150 -38.12 -13.85 -17.14
CA ASN A 150 -39.52 -13.98 -16.74
C ASN A 150 -39.92 -13.00 -15.65
N LEU A 151 -38.97 -12.28 -15.07
CA LEU A 151 -39.24 -11.30 -14.03
C LEU A 151 -39.26 -9.88 -14.54
N ILE A 152 -38.86 -9.65 -15.79
CA ILE A 152 -38.80 -8.30 -16.35
C ILE A 152 -40.21 -7.82 -16.67
N GLN A 153 -40.59 -6.70 -16.08
CA GLN A 153 -41.90 -6.11 -16.24
C GLN A 153 -41.86 -4.99 -17.27
N PRO A 154 -43.02 -4.55 -17.75
CA PRO A 154 -43.03 -3.42 -18.70
C PRO A 154 -42.39 -2.18 -18.15
N ASN A 155 -42.35 -2.02 -16.83
CA ASN A 155 -41.78 -0.85 -16.18
C ASN A 155 -40.43 -1.12 -15.54
N THR A 156 -39.81 -2.28 -15.76
CA THR A 156 -38.49 -2.52 -15.20
C THR A 156 -37.47 -1.62 -15.87
N LYS A 157 -36.79 -0.82 -15.06
CA LYS A 157 -35.83 0.18 -15.53
C LYS A 157 -34.41 -0.20 -15.18
N VAL A 158 -34.20 -0.80 -14.02
CA VAL A 158 -32.88 -1.11 -13.49
C VAL A 158 -32.85 -2.58 -13.11
N VAL A 159 -31.75 -3.27 -13.44
CA VAL A 159 -31.44 -4.60 -12.97
C VAL A 159 -30.14 -4.48 -12.21
N PHE A 160 -30.16 -4.84 -10.93
CA PHE A 160 -29.05 -4.60 -9.99
C PHE A 160 -28.45 -5.93 -9.55
N LEU A 161 -27.21 -6.14 -9.94
CA LEU A 161 -26.43 -7.35 -9.68
C LEU A 161 -25.42 -7.10 -8.56
N GLU A 162 -25.01 -8.18 -7.91
CA GLU A 162 -23.91 -8.11 -6.94
C GLU A 162 -23.27 -9.50 -6.95
N SER A 163 -22.08 -9.60 -7.49
CA SER A 163 -21.44 -10.89 -7.72
C SER A 163 -19.98 -10.80 -7.33
N PRO A 164 -19.50 -11.61 -6.37
CA PRO A 164 -20.30 -12.47 -5.50
C PRO A 164 -21.27 -11.69 -4.62
N GLY A 165 -22.27 -12.39 -4.11
CA GLY A 165 -23.23 -11.76 -3.21
C GLY A 165 -22.63 -11.44 -1.86
N SER A 166 -23.29 -10.53 -1.16
CA SER A 166 -22.86 -10.17 0.18
C SER A 166 -23.03 -11.37 1.11
N ILE A 167 -22.01 -11.60 1.95
CA ILE A 167 -21.96 -12.55 3.06
C ILE A 167 -21.91 -13.99 2.58
N THR A 168 -22.89 -14.40 1.78
CA THR A 168 -23.05 -15.78 1.34
C THR A 168 -22.32 -16.08 0.02
N MET A 169 -21.85 -15.08 -0.70
CA MET A 169 -20.81 -15.23 -1.73
C MET A 169 -21.26 -15.88 -3.02
N GLU A 170 -22.56 -15.97 -3.30
CA GLU A 170 -23.00 -16.63 -4.53
C GLU A 170 -22.58 -15.82 -5.75
N VAL A 171 -22.04 -16.48 -6.78
CA VAL A 171 -21.59 -15.81 -8.00
C VAL A 171 -22.67 -15.92 -9.07
N HIS A 172 -23.05 -14.80 -9.65
CA HIS A 172 -24.00 -14.81 -10.76
C HIS A 172 -23.36 -15.39 -12.02
N ASP A 173 -24.23 -15.85 -12.93
CA ASP A 173 -23.88 -16.09 -14.34
C ASP A 173 -24.21 -14.81 -15.10
N VAL A 174 -23.28 -13.85 -15.06
CA VAL A 174 -23.55 -12.55 -15.65
C VAL A 174 -23.86 -12.65 -17.14
N PRO A 175 -23.12 -13.40 -17.94
CA PRO A 175 -23.49 -13.48 -19.36
C PRO A 175 -24.93 -13.93 -19.58
N ALA A 176 -25.40 -14.92 -18.83
CA ALA A 176 -26.76 -15.39 -19.03
C ALA A 176 -27.78 -14.34 -18.58
N ILE A 177 -27.52 -13.66 -17.47
CA ILE A 177 -28.42 -12.62 -17.00
C ILE A 177 -28.48 -11.48 -18.01
N VAL A 178 -27.32 -10.99 -18.44
CA VAL A 178 -27.31 -9.85 -19.36
C VAL A 178 -28.00 -10.21 -20.66
N ALA A 179 -27.72 -11.39 -21.22
CA ALA A 179 -28.35 -11.74 -22.48
C ALA A 179 -29.87 -11.80 -22.35
N ALA A 180 -30.36 -12.31 -21.23
CA ALA A 180 -31.79 -12.41 -21.02
C ALA A 180 -32.41 -11.02 -20.86
N VAL A 181 -31.77 -10.13 -20.12
CA VAL A 181 -32.28 -8.78 -19.99
C VAL A 181 -32.32 -8.10 -21.35
N ARG A 182 -31.24 -8.22 -22.13
CA ARG A 182 -31.17 -7.50 -23.40
C ARG A 182 -32.20 -8.03 -24.40
N ARG A 183 -32.59 -9.31 -24.28
N ARG A 183 -32.59 -9.31 -24.31
CA ARG A 183 -33.64 -9.89 -25.14
CA ARG A 183 -33.64 -9.78 -25.19
C ARG A 183 -35.01 -9.28 -24.88
C ARG A 183 -34.95 -9.05 -24.92
N VAL A 184 -35.32 -8.92 -23.64
CA VAL A 184 -36.63 -8.38 -23.29
C VAL A 184 -36.63 -6.85 -23.27
N ALA A 185 -35.63 -6.27 -22.62
CA ALA A 185 -35.58 -4.84 -22.37
C ALA A 185 -34.17 -4.36 -22.66
N PRO A 186 -33.80 -4.25 -23.94
CA PRO A 186 -32.40 -3.90 -24.25
C PRO A 186 -31.96 -2.56 -23.70
N GLU A 187 -32.88 -1.64 -23.43
CA GLU A 187 -32.57 -0.34 -22.91
C GLU A 187 -32.45 -0.30 -21.39
N ALA A 188 -32.75 -1.38 -20.69
CA ALA A 188 -32.68 -1.37 -19.24
C ALA A 188 -31.27 -0.98 -18.79
N ILE A 189 -31.17 -0.43 -17.58
CA ILE A 189 -29.90 -0.06 -16.99
C ILE A 189 -29.45 -1.21 -16.10
N ILE A 190 -28.39 -1.90 -16.50
CA ILE A 190 -27.86 -3.00 -15.71
C ILE A 190 -26.68 -2.45 -14.89
N MET A 191 -26.75 -2.63 -13.58
CA MET A 191 -25.76 -2.13 -12.65
C MET A 191 -25.21 -3.31 -11.86
N ILE A 192 -23.97 -3.18 -11.39
CA ILE A 192 -23.41 -4.18 -10.49
C ILE A 192 -22.65 -3.49 -9.37
N ASP A 193 -22.75 -4.06 -8.17
CA ASP A 193 -21.85 -3.73 -7.07
C ASP A 193 -20.69 -4.70 -7.21
N ASN A 194 -19.58 -4.17 -7.72
CA ASN A 194 -18.39 -4.90 -8.12
C ASN A 194 -17.26 -4.72 -7.10
N THR A 195 -17.62 -4.45 -5.84
CA THR A 195 -16.64 -4.19 -4.79
C THR A 195 -15.73 -5.39 -4.54
N TRP A 196 -16.28 -6.61 -4.49
CA TRP A 196 -15.44 -7.76 -4.13
C TRP A 196 -14.29 -7.96 -5.10
N ALA A 197 -14.53 -7.71 -6.38
CA ALA A 197 -13.54 -7.82 -7.43
C ALA A 197 -12.66 -6.58 -7.55
N ALA A 198 -12.93 -5.55 -6.74
CA ALA A 198 -12.22 -4.27 -6.80
C ALA A 198 -12.31 -3.64 -8.18
N GLY A 199 -13.38 -3.96 -8.92
CA GLY A 199 -13.55 -3.50 -10.27
C GLY A 199 -12.59 -4.05 -11.30
N VAL A 200 -11.57 -4.81 -10.89
CA VAL A 200 -10.52 -5.23 -11.80
C VAL A 200 -10.45 -6.73 -11.96
N LEU A 201 -10.92 -7.53 -11.01
CA LEU A 201 -10.96 -8.97 -11.21
C LEU A 201 -12.15 -9.43 -12.03
N PHE A 202 -13.12 -8.56 -12.25
CA PHE A 202 -14.31 -8.83 -13.06
C PHE A 202 -14.57 -7.55 -13.84
N LYS A 203 -14.38 -7.62 -15.16
CA LYS A 203 -14.48 -6.43 -16.01
C LYS A 203 -15.92 -6.27 -16.46
N ALA A 204 -16.72 -5.71 -15.55
CA ALA A 204 -18.17 -5.71 -15.71
C ALA A 204 -18.63 -5.09 -17.00
N LEU A 205 -18.05 -3.96 -17.40
N LEU A 205 -18.07 -3.96 -17.39
CA LEU A 205 -18.53 -3.23 -18.56
CA LEU A 205 -18.58 -3.28 -18.57
C LEU A 205 -18.22 -3.97 -19.86
C LEU A 205 -18.35 -4.13 -19.82
N ASP A 206 -17.26 -4.90 -19.85
CA ASP A 206 -17.00 -5.77 -20.99
C ASP A 206 -18.04 -6.87 -21.13
N PHE A 207 -18.80 -7.15 -20.08
CA PHE A 207 -19.88 -8.13 -20.12
C PHE A 207 -21.21 -7.51 -20.52
N GLY A 208 -21.24 -6.20 -20.79
CA GLY A 208 -22.49 -5.56 -21.18
C GLY A 208 -23.27 -4.98 -20.03
N ILE A 209 -22.71 -4.99 -18.81
CA ILE A 209 -23.26 -4.22 -17.72
C ILE A 209 -23.02 -2.75 -18.00
N ASP A 210 -23.97 -1.88 -17.65
CA ASP A 210 -23.87 -0.45 -17.94
C ASP A 210 -23.04 0.33 -16.93
N ILE A 211 -23.11 -0.02 -15.65
CA ILE A 211 -22.48 0.75 -14.59
C ILE A 211 -21.92 -0.21 -13.55
N SER A 212 -20.64 -0.03 -13.22
CA SER A 212 -19.93 -0.79 -12.20
C SER A 212 -19.69 0.12 -11.00
N ILE A 213 -20.30 -0.24 -9.88
CA ILE A 213 -20.26 0.53 -8.64
C ILE A 213 -19.30 -0.15 -7.69
N GLN A 214 -18.50 0.63 -6.96
CA GLN A 214 -17.67 0.08 -5.90
C GLN A 214 -17.74 0.92 -4.63
N ALA A 215 -17.66 0.20 -3.52
CA ALA A 215 -17.21 0.78 -2.27
C ALA A 215 -15.67 0.78 -2.34
N ALA A 216 -15.12 1.90 -2.83
CA ALA A 216 -13.67 2.04 -2.88
C ALA A 216 -13.05 1.99 -1.50
N THR A 217 -13.85 2.21 -0.46
CA THR A 217 -13.56 1.92 0.94
C THR A 217 -12.84 0.60 1.17
N LYS A 218 -13.13 -0.41 0.35
N LYS A 218 -13.12 -0.41 0.34
CA LYS A 218 -12.61 -1.77 0.53
CA LYS A 218 -12.60 -1.77 0.55
C LYS A 218 -11.22 -1.84 -0.09
C LYS A 218 -11.18 -1.93 0.00
N TYR A 219 -11.01 -2.61 -1.14
CA TYR A 219 -9.65 -2.85 -1.60
C TYR A 219 -8.98 -1.68 -2.28
N LEU A 220 -9.71 -0.73 -2.86
CA LEU A 220 -9.03 0.39 -3.49
C LEU A 220 -8.28 1.23 -2.47
N ILE A 221 -8.95 1.63 -1.38
CA ILE A 221 -8.26 2.26 -0.26
C ILE A 221 -7.28 1.29 0.38
N GLY A 222 -7.75 0.09 0.69
CA GLY A 222 -6.89 -1.02 1.05
C GLY A 222 -6.33 -1.04 2.46
N HIS A 223 -6.69 -0.07 3.30
CA HIS A 223 -6.07 0.09 4.62
C HIS A 223 -7.08 0.37 5.71
N SER A 224 -8.37 0.25 5.44
CA SER A 224 -9.43 0.38 6.44
C SER A 224 -9.56 1.80 7.00
N ASP A 225 -9.03 2.82 6.32
N ASP A 225 -9.01 2.78 6.32
CA ASP A 225 -8.94 4.18 6.87
CA ASP A 225 -9.10 4.16 6.79
C ASP A 225 -9.45 5.27 5.94
C ASP A 225 -10.10 4.97 5.97
N GLY A 226 -10.25 4.91 4.97
N GLY A 226 -9.80 5.28 4.71
CA GLY A 226 -10.79 5.91 4.09
CA GLY A 226 -10.71 6.09 3.92
C GLY A 226 -12.06 5.40 3.45
C GLY A 226 -12.05 5.42 3.63
N MET A 227 -13.04 6.26 3.28
CA MET A 227 -14.33 5.86 2.75
C MET A 227 -14.62 6.66 1.50
N ILE A 228 -15.13 5.98 0.48
CA ILE A 228 -15.35 6.57 -0.83
C ILE A 228 -16.10 5.58 -1.69
N GLY A 229 -17.03 6.07 -2.51
CA GLY A 229 -17.69 5.25 -3.51
C GLY A 229 -17.37 5.73 -4.91
N THR A 230 -17.41 4.80 -5.85
CA THR A 230 -17.21 5.11 -7.26
C THR A 230 -18.30 4.45 -8.08
N ALA A 231 -18.61 5.04 -9.23
CA ALA A 231 -19.48 4.41 -10.21
C ALA A 231 -18.99 4.73 -11.61
N VAL A 232 -18.60 3.72 -12.34
CA VAL A 232 -18.05 3.85 -13.69
C VAL A 232 -19.12 3.42 -14.67
N ALA A 233 -19.51 4.33 -15.56
CA ALA A 233 -20.59 4.09 -16.51
C ALA A 233 -20.07 4.06 -17.94
N ASN A 234 -20.79 3.32 -18.78
CA ASN A 234 -20.57 3.37 -20.22
C ASN A 234 -21.08 4.69 -20.81
N ALA A 235 -20.81 4.86 -22.10
CA ALA A 235 -21.16 6.11 -22.77
C ALA A 235 -22.65 6.37 -22.78
N ARG A 236 -23.46 5.33 -22.91
CA ARG A 236 -24.90 5.52 -22.98
C ARG A 236 -25.45 6.10 -21.68
N CYS A 237 -24.88 5.71 -20.54
CA CYS A 237 -25.47 6.04 -19.25
C CYS A 237 -24.72 7.14 -18.50
N TRP A 238 -23.55 7.55 -18.99
CA TRP A 238 -22.69 8.42 -18.19
C TRP A 238 -23.34 9.78 -17.89
N GLU A 239 -23.89 10.45 -18.90
CA GLU A 239 -24.35 11.81 -18.66
C GLU A 239 -25.46 11.86 -17.59
N GLN A 240 -26.39 10.92 -17.64
CA GLN A 240 -27.46 10.88 -16.65
C GLN A 240 -26.90 10.59 -15.27
N LEU A 241 -25.99 9.62 -15.15
CA LEU A 241 -25.37 9.35 -13.86
C LEU A 241 -24.68 10.60 -13.33
N CYS A 242 -23.83 11.18 -14.16
CA CYS A 242 -23.02 12.31 -13.72
C CYS A 242 -23.90 13.45 -13.22
N GLU A 243 -24.87 13.85 -14.01
CA GLU A 243 -25.65 15.03 -13.70
C GLU A 243 -26.63 14.79 -12.58
N ASN A 244 -27.22 13.60 -12.51
CA ASN A 244 -28.20 13.38 -11.45
C ASN A 244 -27.52 13.16 -10.11
N ALA A 245 -26.35 12.51 -10.10
CA ALA A 245 -25.60 12.41 -8.85
C ALA A 245 -25.14 13.80 -8.40
N TYR A 246 -24.77 14.66 -9.35
CA TYR A 246 -24.34 16.00 -9.00
C TYR A 246 -25.48 16.82 -8.41
N LEU A 247 -26.72 16.60 -8.88
CA LEU A 247 -27.89 17.27 -8.32
C LEU A 247 -28.17 16.86 -6.89
N MET A 248 -27.71 15.68 -6.47
CA MET A 248 -27.74 15.27 -5.07
C MET A 248 -26.50 15.69 -4.30
N GLY A 249 -25.62 16.49 -4.92
CA GLY A 249 -24.45 16.99 -4.25
C GLY A 249 -23.39 15.94 -3.98
N GLN A 250 -23.36 14.86 -4.74
CA GLN A 250 -22.43 13.78 -4.41
C GLN A 250 -21.04 14.10 -4.92
N MET A 251 -20.06 13.96 -4.02
CA MET A 251 -18.64 14.18 -4.30
C MET A 251 -17.86 13.47 -3.21
N ILE A 252 -16.56 13.41 -3.39
CA ILE A 252 -15.63 12.97 -2.35
C ILE A 252 -14.62 14.10 -2.17
N ASP A 253 -13.98 14.17 -1.00
CA ASP A 253 -12.95 15.16 -0.79
C ASP A 253 -11.68 14.80 -1.57
N ALA A 254 -10.90 15.85 -1.86
CA ALA A 254 -9.68 15.68 -2.65
C ALA A 254 -8.70 14.74 -1.98
N ASP A 255 -8.54 14.82 -0.65
CA ASP A 255 -7.55 13.96 0.00
C ASP A 255 -7.91 12.49 -0.12
N THR A 256 -9.18 12.14 0.07
CA THR A 256 -9.56 10.74 -0.09
C THR A 256 -9.40 10.31 -1.56
N ALA A 257 -9.70 11.20 -2.50
CA ALA A 257 -9.45 10.87 -3.90
C ALA A 257 -7.98 10.52 -4.11
N TYR A 258 -7.09 11.35 -3.57
CA TYR A 258 -5.65 11.05 -3.64
C TYR A 258 -5.33 9.69 -3.04
N MET A 259 -5.90 9.38 -1.89
N MET A 259 -5.91 9.39 -1.89
CA MET A 259 -5.58 8.11 -1.25
CA MET A 259 -5.62 8.13 -1.20
C MET A 259 -6.11 6.93 -2.05
C MET A 259 -6.18 6.93 -1.95
N THR A 260 -7.21 7.14 -2.77
CA THR A 260 -7.76 6.06 -3.59
C THR A 260 -6.84 5.80 -4.78
N SER A 261 -6.43 6.85 -5.50
CA SER A 261 -5.41 6.69 -6.54
C SER A 261 -4.18 5.99 -6.01
N ARG A 262 -3.75 6.35 -4.80
CA ARG A 262 -2.55 5.77 -4.20
C ARG A 262 -2.75 4.29 -3.92
N GLY A 263 -3.94 3.92 -3.47
CA GLY A 263 -4.25 2.52 -3.23
C GLY A 263 -4.22 1.68 -4.48
N LEU A 264 -4.62 2.24 -5.61
CA LEU A 264 -4.57 1.49 -6.85
C LEU A 264 -3.19 0.91 -7.11
N ARG A 265 -2.15 1.65 -6.71
CA ARG A 265 -0.80 1.31 -7.13
C ARG A 265 -0.34 -0.02 -6.55
N THR A 266 -0.86 -0.41 -5.39
CA THR A 266 -0.51 -1.66 -4.75
C THR A 266 -1.63 -2.70 -4.84
N LEU A 267 -2.69 -2.41 -5.59
CA LEU A 267 -3.86 -3.27 -5.61
C LEU A 267 -3.54 -4.66 -6.15
N GLY A 268 -2.68 -4.74 -7.18
CA GLY A 268 -2.34 -6.03 -7.75
C GLY A 268 -1.59 -6.91 -6.78
N VAL A 269 -0.54 -6.36 -6.15
CA VAL A 269 0.24 -7.16 -5.22
C VAL A 269 -0.61 -7.55 -4.03
N ARG A 270 -1.47 -6.64 -3.56
CA ARG A 270 -2.32 -7.00 -2.43
C ARG A 270 -3.31 -8.09 -2.81
N LEU A 271 -4.06 -7.90 -3.90
CA LEU A 271 -5.06 -8.89 -4.27
C LEU A 271 -4.47 -10.28 -4.45
N ARG A 272 -3.28 -10.37 -5.05
CA ARG A 272 -2.69 -11.69 -5.22
C ARG A 272 -2.45 -12.37 -3.88
N GLN A 273 -2.04 -11.60 -2.86
CA GLN A 273 -1.85 -12.21 -1.55
C GLN A 273 -3.18 -12.58 -0.91
N HIS A 274 -4.19 -11.70 -1.03
CA HIS A 274 -5.50 -12.04 -0.48
C HIS A 274 -6.06 -13.31 -1.13
N HIS A 275 -5.88 -13.45 -2.44
CA HIS A 275 -6.32 -14.65 -3.15
C HIS A 275 -5.58 -15.87 -2.64
N GLU A 276 -4.25 -15.82 -2.63
CA GLU A 276 -3.48 -16.97 -2.22
C GLU A 276 -3.87 -17.39 -0.80
N SER A 277 -3.90 -16.45 0.12
CA SER A 277 -4.17 -16.80 1.50
C SER A 277 -5.60 -17.25 1.70
N SER A 278 -6.57 -16.53 1.13
CA SER A 278 -7.96 -16.90 1.37
C SER A 278 -8.32 -18.23 0.74
N LEU A 279 -7.77 -18.55 -0.42
CA LEU A 279 -8.07 -19.86 -1.00
C LEU A 279 -7.47 -20.97 -0.16
N ARG A 280 -6.25 -20.78 0.37
CA ARG A 280 -5.66 -21.77 1.26
C ARG A 280 -6.54 -21.96 2.50
N VAL A 281 -6.99 -20.86 3.11
CA VAL A 281 -7.86 -20.98 4.28
C VAL A 281 -9.16 -21.70 3.92
N ALA A 282 -9.76 -21.34 2.79
CA ALA A 282 -11.01 -22.00 2.37
C ALA A 282 -10.83 -23.49 2.15
N GLU A 283 -9.73 -23.88 1.48
CA GLU A 283 -9.46 -25.29 1.23
C GLU A 283 -9.28 -26.05 2.53
N TRP A 284 -8.58 -25.44 3.50
CA TRP A 284 -8.40 -26.04 4.81
C TRP A 284 -9.73 -26.17 5.56
N LEU A 285 -10.51 -25.09 5.58
CA LEU A 285 -11.81 -25.14 6.24
C LEU A 285 -12.68 -26.24 5.65
N ALA A 286 -12.63 -26.40 4.33
CA ALA A 286 -13.52 -27.37 3.68
C ALA A 286 -13.23 -28.79 4.14
N GLN A 287 -12.02 -29.05 4.58
CA GLN A 287 -11.64 -30.36 5.09
C GLN A 287 -11.93 -30.51 6.58
N HIS A 288 -12.34 -29.45 7.25
CA HIS A 288 -12.36 -29.43 8.70
C HIS A 288 -13.64 -30.09 9.24
N PRO A 289 -13.53 -30.94 10.26
CA PRO A 289 -14.74 -31.63 10.76
C PRO A 289 -15.77 -30.71 11.39
N GLN A 290 -15.40 -29.50 11.82
CA GLN A 290 -16.36 -28.58 12.43
C GLN A 290 -16.98 -27.61 11.43
N VAL A 291 -16.71 -27.80 10.14
CA VAL A 291 -17.21 -26.95 9.07
C VAL A 291 -18.19 -27.74 8.20
N ALA A 292 -19.39 -27.19 8.03
CA ALA A 292 -20.40 -27.80 7.16
C ALA A 292 -20.21 -27.45 5.70
N ARG A 293 -19.90 -26.18 5.41
N ARG A 293 -19.97 -26.17 5.39
CA ARG A 293 -19.88 -25.64 4.07
CA ARG A 293 -19.75 -25.79 4.01
C ARG A 293 -18.90 -24.48 4.05
C ARG A 293 -19.00 -24.46 3.97
N VAL A 294 -18.23 -24.29 2.93
CA VAL A 294 -17.43 -23.08 2.71
C VAL A 294 -17.99 -22.35 1.49
N ASN A 295 -18.22 -21.06 1.64
CA ASN A 295 -18.72 -20.20 0.57
C ASN A 295 -17.55 -19.31 0.13
N HIS A 296 -16.81 -19.76 -0.86
CA HIS A 296 -15.69 -19.00 -1.41
C HIS A 296 -15.80 -19.13 -2.92
N PRO A 297 -15.93 -18.03 -3.66
CA PRO A 297 -16.07 -18.14 -5.13
C PRO A 297 -15.03 -19.01 -5.80
N ALA A 298 -13.80 -19.01 -5.29
CA ALA A 298 -12.72 -19.80 -5.89
C ALA A 298 -12.69 -21.25 -5.45
N LEU A 299 -13.48 -21.64 -4.46
CA LEU A 299 -13.44 -23.01 -3.97
C LEU A 299 -14.37 -23.89 -4.83
N PRO A 300 -13.87 -24.99 -5.36
CA PRO A 300 -14.74 -25.91 -6.09
C PRO A 300 -15.95 -26.29 -5.26
N GLY A 301 -17.11 -26.35 -5.91
CA GLY A 301 -18.36 -26.68 -5.26
C GLY A 301 -19.13 -25.51 -4.69
N SER A 302 -18.52 -24.34 -4.59
N SER A 302 -18.53 -24.34 -4.58
N SER A 302 -18.52 -24.34 -4.57
CA SER A 302 -19.23 -23.17 -4.07
CA SER A 302 -19.24 -23.18 -4.08
CA SER A 302 -19.25 -23.18 -4.07
C SER A 302 -20.21 -22.65 -5.12
C SER A 302 -20.26 -22.72 -5.12
C SER A 302 -20.26 -22.72 -5.11
N LYS A 303 -21.28 -21.99 -4.67
CA LYS A 303 -22.35 -21.57 -5.57
C LYS A 303 -21.85 -20.58 -6.61
N GLY A 304 -21.98 -20.97 -7.87
CA GLY A 304 -21.50 -20.17 -8.97
C GLY A 304 -20.00 -20.19 -9.18
N HIS A 305 -19.29 -21.14 -8.54
CA HIS A 305 -17.86 -21.26 -8.76
C HIS A 305 -17.50 -21.35 -10.23
N GLU A 306 -18.28 -22.08 -11.02
N GLU A 306 -18.28 -22.12 -11.00
N GLU A 306 -18.31 -22.08 -11.00
CA GLU A 306 -17.91 -22.21 -12.41
CA GLU A 306 -18.03 -22.21 -12.44
CA GLU A 306 -18.07 -22.25 -12.43
C GLU A 306 -17.96 -20.87 -13.14
C GLU A 306 -17.89 -20.82 -13.05
C GLU A 306 -18.01 -20.91 -13.14
N PHE A 307 -18.82 -19.93 -12.71
CA PHE A 307 -18.83 -18.63 -13.33
C PHE A 307 -17.67 -17.78 -12.83
N TRP A 308 -17.29 -17.94 -11.56
CA TRP A 308 -16.09 -17.27 -11.10
C TRP A 308 -14.88 -17.68 -11.91
N LYS A 309 -14.74 -18.98 -12.13
CA LYS A 309 -13.54 -19.44 -12.81
C LYS A 309 -13.53 -18.98 -14.27
N ARG A 310 -14.71 -18.93 -14.89
CA ARG A 310 -14.83 -18.53 -16.29
C ARG A 310 -14.68 -17.04 -16.48
N ASP A 311 -15.25 -16.22 -15.58
CA ASP A 311 -15.48 -14.81 -15.85
C ASP A 311 -14.57 -13.87 -15.09
N PHE A 312 -13.92 -14.33 -14.03
CA PHE A 312 -13.05 -13.50 -13.22
C PHE A 312 -11.60 -13.83 -13.54
N SER A 313 -10.70 -12.91 -13.24
CA SER A 313 -9.27 -13.10 -13.41
C SER A 313 -8.55 -13.31 -12.10
N GLY A 314 -9.27 -13.44 -11.00
CA GLY A 314 -8.67 -13.71 -9.72
C GLY A 314 -9.73 -13.60 -8.63
N SER A 315 -9.27 -13.75 -7.39
CA SER A 315 -10.11 -13.65 -6.22
C SER A 315 -9.56 -12.57 -5.29
N SER A 316 -10.42 -12.05 -4.43
CA SER A 316 -9.99 -11.25 -3.30
C SER A 316 -9.98 -12.15 -2.05
N GLY A 317 -10.11 -11.54 -0.88
CA GLY A 317 -9.90 -12.24 0.38
C GLY A 317 -11.12 -12.45 1.26
N LEU A 318 -12.30 -12.03 0.82
CA LEU A 318 -13.50 -12.13 1.63
C LEU A 318 -14.29 -13.39 1.27
N PHE A 319 -14.70 -14.13 2.29
CA PHE A 319 -15.54 -15.31 2.05
C PHE A 319 -16.23 -15.69 3.36
N SER A 320 -17.03 -16.76 3.34
CA SER A 320 -17.67 -17.17 4.57
C SER A 320 -17.70 -18.70 4.64
N PHE A 321 -18.07 -19.21 5.82
CA PHE A 321 -18.25 -20.64 5.99
C PHE A 321 -19.32 -20.86 7.04
N VAL A 322 -19.93 -22.05 7.02
CA VAL A 322 -20.99 -22.41 7.93
C VAL A 322 -20.43 -23.47 8.89
N LEU A 323 -20.59 -23.23 10.19
CA LEU A 323 -20.18 -24.22 11.20
C LEU A 323 -21.12 -25.41 11.19
N ASN A 324 -20.63 -26.54 11.72
CA ASN A 324 -21.41 -27.77 11.80
C ASN A 324 -22.46 -27.74 12.86
N LYS A 325 -22.63 -26.61 13.55
CA LYS A 325 -23.70 -26.45 14.51
C LYS A 325 -24.06 -24.97 14.63
N ARG A 326 -25.21 -24.74 15.24
CA ARG A 326 -25.66 -23.41 15.62
C ARG A 326 -25.08 -23.11 16.99
N LEU A 327 -24.24 -22.08 17.06
CA LEU A 327 -23.65 -21.71 18.34
C LEU A 327 -24.70 -21.08 19.25
N THR A 328 -24.66 -21.45 20.51
CA THR A 328 -25.41 -20.74 21.53
C THR A 328 -24.77 -19.38 21.76
N ASP A 329 -25.44 -18.53 22.54
CA ASP A 329 -24.85 -17.22 22.82
C ASP A 329 -23.55 -17.37 23.61
N ALA A 330 -23.50 -18.32 24.54
CA ALA A 330 -22.26 -18.54 25.28
C ALA A 330 -21.13 -18.99 24.35
N GLU A 331 -21.44 -19.90 23.42
CA GLU A 331 -20.43 -20.36 22.48
C GLU A 331 -20.00 -19.26 21.53
N LEU A 332 -20.94 -18.42 21.09
CA LEU A 332 -20.59 -17.30 20.23
C LEU A 332 -19.56 -16.40 20.90
N ALA A 333 -19.76 -16.09 22.19
CA ALA A 333 -18.81 -15.25 22.90
C ALA A 333 -17.49 -15.97 23.11
N ALA A 334 -17.53 -17.26 23.50
CA ALA A 334 -16.28 -17.99 23.67
C ALA A 334 -15.47 -18.01 22.38
N TYR A 335 -16.16 -18.19 21.26
CA TYR A 335 -15.51 -18.19 19.94
C TYR A 335 -14.98 -16.80 19.60
N LEU A 336 -15.87 -15.82 19.51
CA LEU A 336 -15.50 -14.54 18.91
C LEU A 336 -14.67 -13.65 19.84
N ASP A 337 -14.81 -13.79 21.16
CA ASP A 337 -14.16 -12.84 22.04
C ASP A 337 -12.68 -13.13 22.25
N ASN A 338 -12.18 -14.27 21.74
CA ASN A 338 -10.86 -14.74 22.15
C ASN A 338 -9.92 -14.99 20.99
N PHE A 339 -10.19 -14.40 19.83
CA PHE A 339 -9.24 -14.45 18.73
C PHE A 339 -8.05 -13.55 19.00
N SER A 340 -6.88 -13.98 18.53
CA SER A 340 -5.65 -13.23 18.73
C SER A 340 -5.28 -12.35 17.55
N LEU A 341 -5.66 -12.75 16.34
CA LEU A 341 -5.29 -12.02 15.12
C LEU A 341 -6.49 -11.46 14.39
N PHE A 342 -7.55 -12.24 14.19
CA PHE A 342 -8.76 -11.74 13.57
C PHE A 342 -9.43 -10.74 14.50
N SER A 343 -9.84 -9.60 13.93
CA SER A 343 -10.57 -8.57 14.64
C SER A 343 -12.05 -8.63 14.23
N MET A 344 -12.93 -8.37 15.18
CA MET A 344 -14.35 -8.22 14.85
C MET A 344 -14.64 -6.78 14.45
N ALA A 345 -15.14 -6.58 13.24
CA ALA A 345 -15.45 -5.24 12.72
C ALA A 345 -16.24 -5.43 11.46
N TYR A 346 -16.96 -4.38 11.06
CA TYR A 346 -17.60 -4.34 9.75
C TYR A 346 -16.58 -3.92 8.69
N SER A 347 -16.98 -3.96 7.43
N SER A 347 -17.02 -4.07 7.44
CA SER A 347 -16.09 -3.65 6.31
CA SER A 347 -16.26 -3.86 6.21
C SER A 347 -15.07 -4.77 6.10
C SER A 347 -15.06 -4.80 6.12
N TRP A 348 -14.15 -4.52 5.19
CA TRP A 348 -13.19 -5.51 4.71
C TRP A 348 -12.35 -4.84 3.63
N GLY A 349 -11.40 -5.56 3.06
CA GLY A 349 -10.56 -5.01 2.00
C GLY A 349 -9.22 -4.47 2.44
N GLY A 350 -8.89 -4.54 3.72
CA GLY A 350 -7.65 -4.00 4.24
C GLY A 350 -6.60 -5.05 4.48
N PHE A 351 -5.58 -4.65 5.23
CA PHE A 351 -4.48 -5.53 5.56
C PHE A 351 -4.80 -6.40 6.76
N GLU A 352 -5.80 -6.01 7.56
CA GLU A 352 -6.18 -6.70 8.79
C GLU A 352 -7.21 -7.78 8.48
N SER A 353 -7.02 -8.97 9.02
CA SER A 353 -8.03 -10.02 8.95
C SER A 353 -9.18 -9.75 9.92
N LEU A 354 -10.40 -10.00 9.45
CA LEU A 354 -11.61 -9.67 10.19
C LEU A 354 -12.54 -10.89 10.25
N ILE A 355 -13.38 -10.91 11.27
CA ILE A 355 -14.35 -11.98 11.50
C ILE A 355 -15.67 -11.39 11.98
N LEU A 356 -16.77 -11.95 11.49
CA LEU A 356 -18.11 -11.63 11.96
C LEU A 356 -18.96 -12.89 11.91
N ALA A 357 -19.96 -12.98 12.77
CA ALA A 357 -20.87 -14.11 12.76
C ALA A 357 -22.30 -13.66 12.46
N ASN A 358 -23.06 -14.54 11.83
CA ASN A 358 -24.49 -14.34 11.61
C ASN A 358 -25.19 -15.66 11.85
N GLN A 359 -26.29 -15.65 12.58
CA GLN A 359 -27.13 -16.82 12.66
C GLN A 359 -27.97 -16.96 11.40
N PRO A 360 -28.45 -18.18 11.11
CA PRO A 360 -29.18 -18.37 9.84
C PRO A 360 -30.37 -17.45 9.70
N GLU A 361 -31.13 -17.23 10.79
CA GLU A 361 -32.30 -16.36 10.67
C GLU A 361 -31.92 -14.91 10.43
N HIS A 362 -30.71 -14.50 10.84
CA HIS A 362 -30.25 -13.15 10.52
C HIS A 362 -30.08 -13.00 9.02
N ILE A 363 -29.54 -14.03 8.37
CA ILE A 363 -29.40 -14.00 6.93
C ILE A 363 -30.75 -14.11 6.24
N ALA A 364 -31.62 -15.00 6.72
CA ALA A 364 -32.94 -15.13 6.11
C ALA A 364 -33.67 -13.78 6.10
N ALA A 365 -33.50 -13.00 7.17
CA ALA A 365 -34.16 -11.70 7.26
C ALA A 365 -33.69 -10.71 6.21
N ILE A 366 -32.51 -10.94 5.63
CA ILE A 366 -31.97 -10.08 4.58
C ILE A 366 -31.88 -10.83 3.26
N ARG A 367 -32.74 -11.82 3.08
CA ARG A 367 -32.90 -12.52 1.82
C ARG A 367 -34.39 -12.39 1.48
N PRO A 368 -34.76 -11.28 0.84
CA PRO A 368 -36.19 -11.01 0.66
C PRO A 368 -36.84 -12.07 -0.20
N GLU A 369 -38.00 -12.53 0.25
CA GLU A 369 -38.83 -13.51 -0.43
C GLU A 369 -38.12 -14.86 -0.56
N ALA A 370 -37.15 -15.11 0.30
CA ALA A 370 -36.37 -16.34 0.23
C ALA A 370 -36.05 -16.83 1.63
N GLU A 371 -35.71 -18.11 1.70
CA GLU A 371 -35.20 -18.72 2.92
C GLU A 371 -33.75 -19.12 2.69
N VAL A 372 -33.04 -19.40 3.78
CA VAL A 372 -31.67 -19.89 3.68
C VAL A 372 -31.69 -21.42 3.67
N ASP A 373 -30.57 -21.99 3.22
CA ASP A 373 -30.44 -23.43 3.07
C ASP A 373 -29.42 -24.04 4.02
N PHE A 374 -29.17 -23.39 5.15
CA PHE A 374 -28.24 -23.87 6.15
C PHE A 374 -28.82 -23.58 7.53
N SER A 375 -28.33 -24.30 8.52
CA SER A 375 -28.78 -24.14 9.89
C SER A 375 -27.65 -23.86 10.88
N GLY A 376 -26.38 -24.00 10.48
CA GLY A 376 -25.31 -23.66 11.37
C GLY A 376 -25.04 -22.17 11.39
N THR A 377 -24.26 -21.75 12.37
CA THR A 377 -23.84 -20.35 12.43
C THR A 377 -22.89 -20.05 11.27
N LEU A 378 -23.12 -18.92 10.59
CA LEU A 378 -22.29 -18.49 9.48
C LEU A 378 -21.21 -17.54 9.98
N ILE A 379 -19.97 -17.79 9.59
CA ILE A 379 -18.82 -16.96 9.93
C ILE A 379 -18.28 -16.35 8.64
N ARG A 380 -18.18 -15.03 8.59
CA ARG A 380 -17.57 -14.35 7.47
C ARG A 380 -16.17 -13.94 7.85
N LEU A 381 -15.20 -14.28 7.00
CA LEU A 381 -13.80 -13.92 7.19
C LEU A 381 -13.35 -12.98 6.11
N HIS A 382 -12.62 -11.94 6.50
CA HIS A 382 -11.76 -11.24 5.58
C HIS A 382 -10.33 -11.68 5.86
N ILE A 383 -9.66 -12.24 4.87
CA ILE A 383 -8.28 -12.67 5.00
C ILE A 383 -7.38 -11.54 4.54
N GLY A 384 -6.64 -10.98 5.49
CA GLY A 384 -5.73 -9.88 5.28
C GLY A 384 -4.36 -10.37 4.85
N LEU A 385 -3.34 -9.59 5.24
CA LEU A 385 -1.97 -9.79 4.80
C LEU A 385 -1.08 -10.51 5.82
N GLU A 386 -1.64 -10.97 6.92
CA GLU A 386 -0.85 -11.70 7.89
C GLU A 386 -0.38 -13.04 7.32
N ASN A 387 0.60 -13.63 7.98
CA ASN A 387 1.05 -14.95 7.55
C ASN A 387 -0.10 -15.94 7.69
N VAL A 388 -0.35 -16.70 6.62
CA VAL A 388 -1.53 -17.57 6.60
C VAL A 388 -1.47 -18.65 7.66
N ASP A 389 -0.28 -19.16 7.98
CA ASP A 389 -0.20 -20.19 9.01
C ASP A 389 -0.58 -19.63 10.39
N ASP A 390 -0.27 -18.36 10.64
CA ASP A 390 -0.71 -17.74 11.88
C ASP A 390 -2.23 -17.60 11.90
N LEU A 391 -2.84 -17.25 10.76
CA LEU A 391 -4.28 -17.15 10.69
C LEU A 391 -4.93 -18.51 10.89
N LEU A 392 -4.37 -19.56 10.28
CA LEU A 392 -4.91 -20.90 10.47
C LEU A 392 -4.81 -21.31 11.93
N ALA A 393 -3.72 -20.98 12.60
CA ALA A 393 -3.61 -21.30 14.02
C ALA A 393 -4.66 -20.57 14.84
N ASP A 394 -4.97 -19.34 14.48
CA ASP A 394 -6.00 -18.60 15.20
C ASP A 394 -7.37 -19.25 14.98
N LEU A 395 -7.66 -19.65 13.75
CA LEU A 395 -8.92 -20.36 13.46
C LEU A 395 -8.98 -21.69 14.22
N ALA A 396 -7.87 -22.41 14.26
CA ALA A 396 -7.86 -23.70 14.95
C ALA A 396 -8.12 -23.50 16.44
N ALA A 397 -7.52 -22.45 17.03
CA ALA A 397 -7.80 -22.19 18.45
C ALA A 397 -9.27 -21.87 18.66
N GLY A 398 -9.87 -21.14 17.72
CA GLY A 398 -11.30 -20.90 17.81
C GLY A 398 -12.13 -22.16 17.77
N PHE A 399 -11.80 -23.08 16.85
CA PHE A 399 -12.53 -24.34 16.78
C PHE A 399 -12.41 -25.08 18.11
N ALA A 400 -11.25 -25.03 18.73
CA ALA A 400 -11.08 -25.77 19.99
C ALA A 400 -11.94 -25.18 21.10
N ARG A 401 -12.27 -23.90 21.04
CA ARG A 401 -13.10 -23.28 22.06
C ARG A 401 -14.57 -23.66 21.94
N ILE A 402 -14.99 -24.24 20.82
CA ILE A 402 -16.39 -24.58 20.59
C ILE A 402 -16.62 -26.04 20.28
N VAL A 403 -15.58 -26.88 20.33
CA VAL A 403 -15.75 -28.26 19.89
C VAL A 403 -16.65 -28.96 20.90
N MET B 9 12.04 -13.70 3.97
CA MET B 9 10.92 -12.79 3.62
C MET B 9 9.96 -13.49 2.67
N ALA B 10 10.51 -14.32 1.78
CA ALA B 10 9.67 -15.06 0.84
C ALA B 10 8.82 -16.11 1.54
N ASP B 11 9.27 -16.60 2.70
CA ASP B 11 8.48 -17.48 3.55
C ASP B 11 7.46 -16.73 4.40
N LYS B 12 7.44 -15.39 4.30
CA LYS B 12 6.40 -14.55 4.88
C LYS B 12 6.42 -14.58 6.41
N HIS B 13 7.59 -14.82 6.98
CA HIS B 13 7.73 -14.93 8.44
C HIS B 13 7.26 -13.67 9.17
N LEU B 14 7.47 -12.49 8.59
CA LEU B 14 7.29 -11.20 9.26
C LEU B 14 5.95 -10.54 8.97
N ASP B 15 5.13 -11.15 8.13
CA ASP B 15 3.92 -10.50 7.66
C ASP B 15 2.97 -10.18 8.81
N THR B 16 2.83 -11.09 9.76
CA THR B 16 1.93 -10.85 10.89
C THR B 16 2.45 -9.70 11.76
N ALA B 17 3.75 -9.70 12.05
CA ALA B 17 4.36 -8.62 12.81
C ALA B 17 4.18 -7.26 12.12
N LEU B 18 4.37 -7.23 10.80
CA LEU B 18 4.20 -5.96 10.07
C LEU B 18 2.77 -5.45 10.18
N VAL B 19 1.78 -6.35 10.11
CA VAL B 19 0.39 -5.93 10.22
C VAL B 19 0.09 -5.36 11.60
N ASN B 20 0.71 -5.92 12.64
CA ASN B 20 0.33 -5.60 14.01
C ASN B 20 1.26 -4.63 14.72
N ALA B 21 2.45 -4.35 14.20
CA ALA B 21 3.44 -3.57 14.93
C ALA B 21 2.91 -2.18 15.27
N GLY B 22 3.07 -1.81 16.54
CA GLY B 22 2.68 -0.50 17.03
C GLY B 22 1.20 -0.33 17.30
N ARG B 23 0.38 -1.32 17.01
CA ARG B 23 -1.06 -1.15 17.14
C ARG B 23 -1.45 -1.69 18.51
N ARG B 24 -1.64 -0.76 19.43
CA ARG B 24 -2.19 -1.01 20.76
C ARG B 24 -3.38 -0.09 20.92
N LYS B 25 -4.34 -0.52 21.75
CA LYS B 25 -5.59 0.21 21.91
C LYS B 25 -5.36 1.66 22.30
N LYS B 26 -4.34 1.94 23.11
CA LYS B 26 -4.17 3.34 23.52
C LYS B 26 -3.86 4.24 22.34
N TYR B 27 -3.34 3.71 21.24
CA TYR B 27 -3.06 4.49 20.05
C TYR B 27 -4.17 4.43 19.01
N THR B 28 -4.85 3.28 18.91
CA THR B 28 -5.82 3.05 17.85
C THR B 28 -7.24 3.43 18.26
N GLN B 29 -7.58 3.34 19.55
N GLN B 29 -7.60 3.23 19.54
CA GLN B 29 -8.84 3.90 20.08
CA GLN B 29 -8.83 3.76 20.12
C GLN B 29 -10.08 3.37 19.33
C GLN B 29 -10.05 3.36 19.31
N GLY B 30 -10.04 2.12 18.84
CA GLY B 30 -11.16 1.51 18.17
C GLY B 30 -11.01 1.35 16.67
N SER B 31 -10.10 2.08 16.05
CA SER B 31 -9.85 1.94 14.63
C SER B 31 -8.75 0.89 14.42
N VAL B 32 -8.58 0.49 13.16
CA VAL B 32 -7.48 -0.40 12.83
C VAL B 32 -6.14 0.31 12.97
N ASN B 33 -6.04 1.51 12.44
CA ASN B 33 -4.80 2.28 12.46
C ASN B 33 -4.79 3.23 13.65
N SER B 34 -3.59 3.70 14.00
N SER B 34 -3.60 3.69 14.01
CA SER B 34 -3.51 4.70 15.06
CA SER B 34 -3.48 4.71 15.04
C SER B 34 -4.26 5.96 14.68
C SER B 34 -4.31 5.93 14.67
N VAL B 35 -4.76 6.65 15.70
CA VAL B 35 -5.29 7.99 15.46
C VAL B 35 -4.15 8.91 15.03
N ILE B 36 -4.50 9.98 14.35
N ILE B 36 -4.51 9.98 14.34
CA ILE B 36 -3.58 11.06 14.02
CA ILE B 36 -3.61 11.07 14.01
C ILE B 36 -3.85 12.17 15.02
C ILE B 36 -3.87 12.17 15.02
N GLN B 37 -2.90 12.41 15.90
CA GLN B 37 -3.00 13.44 16.93
C GLN B 37 -2.03 14.55 16.53
N ARG B 38 -2.59 15.61 15.98
CA ARG B 38 -1.81 16.77 15.56
C ARG B 38 -1.74 17.72 16.75
N ALA B 39 -0.52 18.04 17.22
CA ALA B 39 -0.39 18.87 18.39
C ALA B 39 1.00 19.43 18.52
N SER B 40 1.05 20.69 18.94
CA SER B 40 2.20 21.23 19.67
C SER B 40 1.86 21.15 21.15
N SER B 41 1.02 22.06 21.63
CA SER B 41 0.54 22.02 23.00
C SER B 41 -0.10 20.68 23.33
N LEU B 42 0.27 20.12 24.46
CA LEU B 42 -0.38 18.95 25.03
C LEU B 42 -0.83 19.31 26.44
N VAL B 43 -2.08 19.13 26.72
CA VAL B 43 -2.69 19.71 27.92
C VAL B 43 -2.48 18.82 29.13
N PHE B 44 -2.14 19.46 30.24
CA PHE B 44 -2.03 18.82 31.54
C PHE B 44 -3.27 19.18 32.35
N ASP B 45 -4.05 18.18 32.74
CA ASP B 45 -5.27 18.48 33.49
C ASP B 45 -4.98 18.98 34.88
N THR B 46 -3.84 18.57 35.45
CA THR B 46 -3.46 18.92 36.81
C THR B 46 -1.96 19.08 36.86
N VAL B 47 -1.52 19.71 37.95
CA VAL B 47 -0.09 19.79 38.26
C VAL B 47 0.50 18.39 38.39
N GLU B 48 -0.22 17.47 39.03
N GLU B 48 -0.23 17.49 39.05
CA GLU B 48 0.32 16.12 39.16
CA GLU B 48 0.23 16.11 39.17
C GLU B 48 0.53 15.49 37.79
C GLU B 48 0.51 15.50 37.81
N ALA B 49 -0.41 15.69 36.87
CA ALA B 49 -0.22 15.16 35.52
C ALA B 49 0.98 15.79 34.83
N LYS B 50 1.17 17.10 35.02
CA LYS B 50 2.33 17.77 34.44
C LYS B 50 3.63 17.21 35.00
N LYS B 51 3.68 16.94 36.31
CA LYS B 51 4.88 16.36 36.90
C LYS B 51 5.18 14.99 36.32
N HIS B 52 4.15 14.16 36.17
CA HIS B 52 4.35 12.81 35.66
C HIS B 52 4.79 12.86 34.20
N ALA B 53 4.19 13.74 33.42
CA ALA B 53 4.55 13.87 32.02
C ALA B 53 5.98 14.37 31.88
N THR B 54 6.37 15.32 32.74
CA THR B 54 7.72 15.86 32.69
C THR B 54 8.74 14.75 32.98
N ARG B 55 8.50 14.00 34.05
CA ARG B 55 9.44 12.94 34.40
C ARG B 55 9.58 11.95 33.25
N ASN B 56 8.46 11.68 32.57
CA ASN B 56 8.37 10.66 31.54
C ASN B 56 8.31 11.23 30.13
N ARG B 57 8.88 12.42 29.94
CA ARG B 57 8.70 13.12 28.67
C ARG B 57 9.43 12.47 27.51
N ALA B 58 10.40 11.61 27.79
CA ALA B 58 11.06 10.84 26.75
C ALA B 58 10.65 9.37 26.78
N LYS B 59 9.59 9.04 27.53
CA LYS B 59 9.20 7.66 27.77
C LYS B 59 7.73 7.44 27.39
N GLY B 60 7.22 8.18 26.41
CA GLY B 60 5.93 7.84 25.87
C GLY B 60 4.74 8.35 26.65
N GLU B 61 4.94 9.34 27.51
CA GLU B 61 3.81 10.08 28.10
C GLU B 61 3.67 11.40 27.37
N LEU B 62 2.43 11.80 27.11
CA LEU B 62 2.18 13.04 26.39
C LEU B 62 2.70 14.22 27.20
N PHE B 63 3.56 15.01 26.57
CA PHE B 63 4.27 16.09 27.24
C PHE B 63 4.27 17.34 26.36
N TYR B 64 4.78 17.22 25.14
CA TYR B 64 4.86 18.34 24.22
C TYR B 64 5.06 17.77 22.82
N GLY B 65 4.48 18.42 21.81
CA GLY B 65 4.49 17.85 20.48
C GLY B 65 5.87 17.61 19.90
N ARG B 66 6.88 18.35 20.34
CA ARG B 66 8.26 18.09 19.85
C ARG B 66 8.75 16.71 20.32
N ARG B 67 8.28 16.25 21.48
CA ARG B 67 8.61 14.92 21.96
C ARG B 67 7.74 13.86 21.31
N GLY B 68 6.58 14.23 20.82
CA GLY B 68 5.69 13.32 20.11
C GLY B 68 4.29 13.33 20.65
N THR B 69 3.36 12.85 19.81
CA THR B 69 1.98 12.59 20.21
C THR B 69 1.75 11.08 20.14
N LEU B 70 0.50 10.66 20.36
CA LEU B 70 0.19 9.23 20.31
C LEU B 70 0.63 8.63 18.98
N THR B 71 0.50 9.39 17.89
CA THR B 71 0.81 8.85 16.56
C THR B 71 2.29 8.51 16.44
N HIS B 72 3.14 9.40 16.93
CA HIS B 72 4.58 9.13 16.96
C HIS B 72 4.90 7.93 17.83
N PHE B 73 4.30 7.87 19.02
CA PHE B 73 4.60 6.79 19.94
C PHE B 73 4.29 5.44 19.31
N SER B 74 3.20 5.37 18.56
CA SER B 74 2.81 4.13 17.90
C SER B 74 3.84 3.72 16.86
N LEU B 75 4.30 4.67 16.04
CA LEU B 75 5.35 4.36 15.07
C LEU B 75 6.65 3.95 15.77
N GLN B 76 7.02 4.65 16.82
CA GLN B 76 8.25 4.32 17.53
C GLN B 76 8.18 2.90 18.06
N GLU B 77 7.04 2.51 18.64
CA GLU B 77 6.89 1.15 19.14
CA GLU B 77 6.90 1.15 19.14
C GLU B 77 7.03 0.15 17.99
N ALA B 78 6.42 0.44 16.85
CA ALA B 78 6.49 -0.46 15.71
C ALA B 78 7.94 -0.63 15.26
N MET B 79 8.67 0.47 15.15
CA MET B 79 10.05 0.38 14.67
C MET B 79 10.93 -0.36 15.66
N CYS B 80 10.74 -0.14 16.96
CA CYS B 80 11.53 -0.87 17.95
C CYS B 80 11.26 -2.36 17.88
N GLU B 81 10.00 -2.74 17.67
CA GLU B 81 9.67 -4.16 17.57
C GLU B 81 10.29 -4.76 16.32
N LEU B 82 10.15 -4.09 15.19
CA LEU B 82 10.60 -4.68 13.94
C LEU B 82 12.12 -4.73 13.83
N GLU B 83 12.83 -3.75 14.37
CA GLU B 83 14.29 -3.72 14.30
C GLU B 83 14.96 -4.17 15.58
N GLY B 84 14.21 -4.54 16.61
CA GLY B 84 14.79 -5.09 17.83
C GLY B 84 15.59 -4.09 18.65
N GLY B 85 15.09 -2.87 18.76
CA GLY B 85 15.80 -1.80 19.43
C GLY B 85 15.13 -1.38 20.72
N ALA B 86 15.86 -0.56 21.48
CA ALA B 86 15.40 0.04 22.72
C ALA B 86 14.64 1.35 22.50
N GLY B 87 14.94 2.05 21.41
CA GLY B 87 14.21 3.27 21.10
C GLY B 87 14.39 3.61 19.65
N CYS B 88 13.50 4.46 19.16
CA CYS B 88 13.50 4.90 17.76
C CYS B 88 13.34 6.41 17.74
N ALA B 89 14.33 7.10 17.18
CA ALA B 89 14.27 8.54 16.99
C ALA B 89 13.76 8.85 15.59
N LEU B 90 12.96 9.92 15.47
CA LEU B 90 12.34 10.30 14.21
C LEU B 90 12.88 11.64 13.72
N PHE B 91 12.96 11.79 12.41
CA PHE B 91 13.62 12.91 11.77
C PHE B 91 12.84 13.33 10.53
N PRO B 92 13.10 14.54 10.03
CA PRO B 92 12.34 15.03 8.85
C PRO B 92 12.63 14.27 7.58
N CYS B 93 13.77 13.59 7.47
CA CYS B 93 14.10 12.80 6.28
C CYS B 93 15.28 11.90 6.63
N GLY B 94 15.61 11.01 5.70
CA GLY B 94 16.77 10.16 5.88
C GLY B 94 18.07 10.91 6.10
N ALA B 95 18.31 11.96 5.32
CA ALA B 95 19.58 12.66 5.47
C ALA B 95 19.66 13.34 6.83
N ALA B 96 18.52 13.82 7.36
CA ALA B 96 18.52 14.38 8.71
C ALA B 96 18.82 13.30 9.74
N ALA B 97 18.29 12.10 9.55
CA ALA B 97 18.58 11.01 10.47
C ALA B 97 20.07 10.66 10.45
N VAL B 98 20.68 10.58 9.27
CA VAL B 98 22.10 10.26 9.21
C VAL B 98 22.93 11.35 9.89
N ALA B 99 22.70 12.60 9.49
CA ALA B 99 23.53 13.69 9.99
C ALA B 99 23.37 13.84 11.49
N ASN B 100 22.14 13.80 11.97
CA ASN B 100 21.91 14.03 13.38
C ASN B 100 22.26 12.83 14.25
N THR B 101 22.17 11.61 13.72
CA THR B 101 22.62 10.44 14.49
C THR B 101 24.13 10.46 14.66
N ILE B 102 24.88 10.75 13.58
CA ILE B 102 26.32 10.89 13.74
C ILE B 102 26.63 12.03 14.71
N LEU B 103 26.02 13.20 14.50
CA LEU B 103 26.33 14.35 15.34
C LEU B 103 26.08 14.05 16.82
N ALA B 104 25.04 13.27 17.12
CA ALA B 104 24.68 12.96 18.49
C ALA B 104 25.79 12.23 19.24
N PHE B 105 26.76 11.61 18.54
CA PHE B 105 27.79 10.81 19.18
C PHE B 105 29.20 11.34 19.02
N VAL B 106 29.39 12.52 18.43
CA VAL B 106 30.74 13.05 18.26
C VAL B 106 30.94 14.34 19.05
N GLU B 107 32.21 14.62 19.29
CA GLU B 107 32.66 15.87 19.88
C GLU B 107 34.00 16.23 19.25
N GLN B 108 34.38 17.49 19.41
N GLN B 108 34.39 17.49 19.40
CA GLN B 108 35.67 17.95 18.91
CA GLN B 108 35.65 17.92 18.82
C GLN B 108 36.77 16.97 19.29
C GLN B 108 36.77 16.99 19.27
N GLY B 109 37.62 16.62 18.32
CA GLY B 109 38.70 15.70 18.55
C GLY B 109 38.41 14.27 18.14
N ASP B 110 37.14 13.93 17.88
CA ASP B 110 36.78 12.58 17.50
C ASP B 110 37.05 12.35 16.01
N HIS B 111 37.04 11.07 15.65
CA HIS B 111 37.20 10.58 14.29
C HIS B 111 36.06 9.64 13.91
N VAL B 112 35.59 9.78 12.66
CA VAL B 112 34.55 8.94 12.09
C VAL B 112 35.19 8.12 10.98
N LEU B 113 34.88 6.83 10.93
CA LEU B 113 35.36 5.93 9.88
C LEU B 113 34.13 5.49 9.10
N MET B 114 34.06 5.86 7.82
CA MET B 114 32.86 5.68 7.01
C MET B 114 33.18 4.91 5.74
N THR B 115 32.28 4.03 5.33
CA THR B 115 32.47 3.33 4.07
C THR B 115 32.52 4.33 2.92
N ASN B 116 33.41 4.08 1.95
CA ASN B 116 33.52 5.01 0.82
C ASN B 116 32.36 4.89 -0.15
N THR B 117 31.47 3.92 0.04
CA THR B 117 30.25 3.77 -0.72
C THR B 117 29.04 4.39 -0.03
N ALA B 118 29.24 5.18 1.02
CA ALA B 118 28.12 5.84 1.68
C ALA B 118 27.43 6.80 0.75
N TYR B 119 26.13 6.92 0.95
CA TYR B 119 25.31 7.91 0.28
C TYR B 119 26.01 9.28 0.28
N GLU B 120 26.00 9.95 -0.86
CA GLU B 120 26.81 11.17 -1.00
C GLU B 120 26.46 12.23 0.04
N PRO B 121 25.19 12.56 0.31
CA PRO B 121 24.90 13.52 1.39
C PRO B 121 25.48 13.12 2.73
N SER B 122 25.60 11.83 3.03
CA SER B 122 26.21 11.41 4.29
C SER B 122 27.69 11.78 4.30
N GLN B 123 28.37 11.53 3.19
CA GLN B 123 29.77 11.91 3.06
C GLN B 123 29.92 13.42 3.19
N ASP B 124 29.07 14.18 2.51
CA ASP B 124 29.19 15.64 2.52
C ASP B 124 28.91 16.22 3.90
N PHE B 125 27.97 15.64 4.64
CA PHE B 125 27.83 16.04 6.03
C PHE B 125 29.16 15.90 6.77
N CYS B 126 29.86 14.79 6.57
CA CYS B 126 31.13 14.61 7.27
C CYS B 126 32.17 15.62 6.82
N THR B 127 32.33 15.80 5.51
CA THR B 127 33.44 16.62 5.02
C THR B 127 33.15 18.11 5.13
N LYS B 128 31.87 18.51 5.11
CA LYS B 128 31.53 19.92 5.08
C LYS B 128 30.97 20.45 6.39
N ILE B 129 30.39 19.60 7.24
CA ILE B 129 29.91 20.04 8.54
C ILE B 129 30.87 19.58 9.64
N LEU B 130 31.14 18.28 9.73
CA LEU B 130 31.92 17.78 10.87
C LEU B 130 33.33 18.34 10.88
N ALA B 131 33.96 18.46 9.72
CA ALA B 131 35.38 18.83 9.69
C ALA B 131 35.60 20.18 10.35
N LYS B 132 34.70 21.14 10.11
CA LYS B 132 34.91 22.46 10.68
C LYS B 132 34.58 22.53 12.16
N LEU B 133 33.99 21.47 12.71
CA LEU B 133 33.72 21.32 14.12
C LEU B 133 34.75 20.45 14.82
N GLY B 134 35.87 20.19 14.16
CA GLY B 134 36.95 19.46 14.79
C GLY B 134 36.80 17.96 14.79
N VAL B 135 35.93 17.41 13.94
CA VAL B 135 35.73 15.98 13.83
C VAL B 135 36.22 15.54 12.46
N THR B 136 37.22 14.66 12.44
CA THR B 136 37.79 14.18 11.18
C THR B 136 37.07 12.92 10.72
N THR B 137 37.20 12.62 9.42
CA THR B 137 36.57 11.45 8.81
C THR B 137 37.59 10.74 7.93
N GLY B 138 37.68 9.41 8.11
CA GLY B 138 38.42 8.55 7.23
C GLY B 138 37.50 7.54 6.57
N TRP B 139 38.05 6.81 5.60
CA TRP B 139 37.26 6.03 4.65
C TRP B 139 37.75 4.59 4.57
N PHE B 140 36.86 3.69 4.16
CA PHE B 140 37.25 2.32 3.94
C PHE B 140 36.50 1.70 2.77
N ASP B 141 37.17 0.79 2.09
CA ASP B 141 36.56 0.00 1.03
C ASP B 141 35.48 -0.89 1.63
N PRO B 142 34.33 -1.05 0.95
CA PRO B 142 33.22 -1.80 1.56
C PRO B 142 33.51 -3.25 1.79
N LEU B 143 34.48 -3.85 1.08
CA LEU B 143 34.84 -5.25 1.23
C LEU B 143 36.03 -5.44 2.17
N ILE B 144 36.36 -4.40 2.95
CA ILE B 144 37.55 -4.49 3.80
C ILE B 144 37.43 -5.59 4.85
N GLY B 145 36.23 -5.90 5.29
CA GLY B 145 36.04 -6.96 6.27
C GLY B 145 36.90 -6.74 7.51
N ALA B 146 37.55 -7.81 7.97
CA ALA B 146 38.31 -7.79 9.21
C ALA B 146 39.49 -6.81 9.16
N ASP B 147 39.93 -6.42 7.96
CA ASP B 147 41.08 -5.53 7.86
C ASP B 147 40.73 -4.09 8.23
N ILE B 148 39.47 -3.81 8.57
CA ILE B 148 39.14 -2.49 9.09
C ILE B 148 39.89 -2.22 10.40
N ALA B 149 40.30 -3.26 11.12
CA ALA B 149 40.97 -3.08 12.39
C ALA B 149 42.14 -2.11 12.28
N ASN B 150 42.85 -2.16 11.16
CA ASN B 150 44.06 -1.36 10.98
C ASN B 150 43.77 0.11 10.76
N LEU B 151 42.52 0.46 10.47
CA LEU B 151 42.16 1.85 10.21
C LEU B 151 41.59 2.54 11.43
N ILE B 152 41.35 1.81 12.51
CA ILE B 152 40.72 2.38 13.70
C ILE B 152 41.78 3.13 14.50
N GLN B 153 41.51 4.40 14.76
CA GLN B 153 42.43 5.24 15.50
C GLN B 153 42.02 5.31 16.97
N PRO B 154 42.92 5.76 17.83
CA PRO B 154 42.53 5.92 19.24
C PRO B 154 41.35 6.83 19.44
N ASN B 155 41.12 7.78 18.54
CA ASN B 155 39.99 8.70 18.67
C ASN B 155 38.81 8.33 17.77
N THR B 156 38.83 7.15 17.13
CA THR B 156 37.67 6.73 16.34
C THR B 156 36.49 6.50 17.27
N LYS B 157 35.45 7.28 17.07
CA LYS B 157 34.24 7.22 17.88
C LYS B 157 33.09 6.52 17.18
N VAL B 158 32.99 6.67 15.86
CA VAL B 158 31.88 6.17 15.07
C VAL B 158 32.45 5.40 13.90
N VAL B 159 31.89 4.21 13.65
CA VAL B 159 32.13 3.45 12.44
C VAL B 159 30.81 3.36 11.71
N PHE B 160 30.79 3.87 10.47
CA PHE B 160 29.55 4.06 9.72
C PHE B 160 29.53 3.16 8.49
N LEU B 161 28.58 2.23 8.49
CA LEU B 161 28.39 1.21 7.48
C LEU B 161 27.21 1.56 6.60
N GLU B 162 27.21 1.04 5.37
CA GLU B 162 26.06 1.14 4.50
C GLU B 162 26.11 -0.07 3.57
N SER B 163 25.17 -0.98 3.74
CA SER B 163 25.21 -2.26 3.05
C SER B 163 23.82 -2.63 2.59
N PRO B 164 23.59 -2.83 1.29
N PRO B 164 23.60 -2.81 1.28
CA PRO B 164 24.49 -2.56 0.17
CA PRO B 164 24.57 -2.59 0.21
C PRO B 164 24.89 -1.10 0.10
C PRO B 164 24.89 -1.11 0.07
N GLY B 165 26.01 -0.81 -0.57
CA GLY B 165 26.42 0.56 -0.75
C GLY B 165 25.51 1.32 -1.70
N SER B 166 25.57 2.65 -1.59
CA SER B 166 24.80 3.49 -2.50
C SER B 166 25.29 3.32 -3.94
N ILE B 167 24.34 3.16 -4.85
CA ILE B 167 24.50 3.14 -6.30
C ILE B 167 25.21 1.89 -6.82
N THR B 168 26.40 1.59 -6.27
CA THR B 168 27.23 0.48 -6.73
C THR B 168 26.93 -0.84 -6.01
N MET B 169 26.21 -0.81 -4.89
CA MET B 169 25.54 -1.98 -4.32
C MET B 169 26.44 -3.00 -3.64
N GLU B 170 27.68 -2.65 -3.27
CA GLU B 170 28.55 -3.63 -2.64
C GLU B 170 28.03 -3.97 -1.24
N VAL B 171 28.04 -5.26 -0.91
CA VAL B 171 27.55 -5.73 0.38
C VAL B 171 28.74 -5.93 1.32
N HIS B 172 28.67 -5.34 2.52
CA HIS B 172 29.71 -5.54 3.52
C HIS B 172 29.63 -6.97 4.09
N ASP B 173 30.77 -7.41 4.63
CA ASP B 173 30.80 -8.55 5.56
C ASP B 173 30.64 -7.97 6.96
N VAL B 174 29.40 -7.71 7.36
CA VAL B 174 29.16 -7.07 8.64
C VAL B 174 29.73 -7.87 9.81
N PRO B 175 29.54 -9.18 9.90
CA PRO B 175 30.14 -9.91 11.05
C PRO B 175 31.63 -9.69 11.17
N ALA B 176 32.36 -9.69 10.05
CA ALA B 176 33.80 -9.51 10.13
C ALA B 176 34.14 -8.09 10.55
N ILE B 177 33.43 -7.10 10.03
CA ILE B 177 33.69 -5.71 10.43
C ILE B 177 33.42 -5.53 11.91
N VAL B 178 32.23 -5.96 12.36
CA VAL B 178 31.86 -5.73 13.75
C VAL B 178 32.86 -6.41 14.69
N ALA B 179 33.22 -7.66 14.40
CA ALA B 179 34.14 -8.36 15.29
C ALA B 179 35.48 -7.63 15.38
N ALA B 180 35.96 -7.11 14.26
CA ALA B 180 37.22 -6.38 14.26
C ALA B 180 37.10 -5.09 15.06
N VAL B 181 36.01 -4.35 14.88
CA VAL B 181 35.82 -3.13 15.66
C VAL B 181 35.78 -3.46 17.15
N ARG B 182 35.03 -4.49 17.53
CA ARG B 182 34.92 -4.80 18.96
C ARG B 182 36.25 -5.26 19.56
N ARG B 183 37.13 -5.85 18.74
N ARG B 183 37.11 -5.89 18.76
CA ARG B 183 38.44 -6.28 19.24
CA ARG B 183 38.44 -6.26 19.25
C ARG B 183 39.34 -5.10 19.54
C ARG B 183 39.25 -5.03 19.62
N VAL B 184 39.27 -4.05 18.73
CA VAL B 184 40.18 -2.90 18.83
C VAL B 184 39.56 -1.74 19.60
N ALA B 185 38.27 -1.50 19.41
CA ALA B 185 37.59 -0.33 19.97
C ALA B 185 36.18 -0.73 20.40
N PRO B 186 36.07 -1.54 21.46
CA PRO B 186 34.75 -2.06 21.84
C PRO B 186 33.71 -0.99 22.15
N GLU B 187 34.12 0.21 22.56
CA GLU B 187 33.17 1.27 22.89
C GLU B 187 32.72 2.08 21.69
N ALA B 188 33.32 1.87 20.52
CA ALA B 188 32.91 2.64 19.34
C ALA B 188 31.42 2.48 19.10
N ILE B 189 30.82 3.49 18.48
CA ILE B 189 29.42 3.44 18.07
C ILE B 189 29.39 2.98 16.62
N ILE B 190 28.84 1.79 16.37
CA ILE B 190 28.73 1.26 15.01
C ILE B 190 27.33 1.58 14.52
N MET B 191 27.25 2.28 13.40
CA MET B 191 25.98 2.67 12.80
C MET B 191 25.89 2.10 11.40
N ILE B 192 24.66 1.88 10.93
CA ILE B 192 24.46 1.47 9.55
C ILE B 192 23.30 2.25 8.96
N ASP B 193 23.45 2.64 7.70
CA ASP B 193 22.32 3.08 6.89
C ASP B 193 21.73 1.84 6.23
N ASN B 194 20.62 1.40 6.79
CA ASN B 194 19.97 0.13 6.50
C ASN B 194 18.71 0.33 5.65
N THR B 195 18.69 1.40 4.86
CA THR B 195 17.53 1.75 4.05
C THR B 195 17.21 0.69 2.99
N TRP B 196 18.21 0.13 2.32
CA TRP B 196 17.93 -0.79 1.22
C TRP B 196 17.17 -2.01 1.71
N ALA B 197 17.47 -2.46 2.91
CA ALA B 197 16.83 -3.61 3.52
C ALA B 197 15.53 -3.24 4.21
N ALA B 198 15.17 -1.96 4.22
CA ALA B 198 13.98 -1.48 4.91
C ALA B 198 14.02 -1.82 6.40
N GLY B 199 15.22 -1.98 6.95
CA GLY B 199 15.39 -2.38 8.32
C GLY B 199 14.98 -3.80 8.66
N VAL B 200 14.34 -4.53 7.75
CA VAL B 200 13.76 -5.82 8.07
C VAL B 200 14.40 -6.96 7.31
N LEU B 201 15.04 -6.71 6.16
CA LEU B 201 15.73 -7.78 5.45
C LEU B 201 17.12 -8.02 6.00
N PHE B 202 17.60 -7.13 6.86
CA PHE B 202 18.90 -7.24 7.51
C PHE B 202 18.71 -6.72 8.92
N LYS B 203 18.78 -7.62 9.90
CA LYS B 203 18.48 -7.28 11.29
C LYS B 203 19.77 -6.75 11.94
N ALA B 204 20.07 -5.50 11.64
CA ALA B 204 21.38 -4.92 11.98
C ALA B 204 21.73 -5.05 13.45
N LEU B 205 20.78 -4.78 14.35
N LEU B 205 20.79 -4.75 14.35
CA LEU B 205 21.10 -4.78 15.77
CA LEU B 205 21.14 -4.79 15.76
C LEU B 205 21.36 -6.19 16.30
C LEU B 205 21.54 -6.20 16.19
N ASP B 206 20.93 -7.23 15.59
CA ASP B 206 21.27 -8.60 15.95
C ASP B 206 22.72 -8.93 15.60
N PHE B 207 23.35 -8.14 14.73
CA PHE B 207 24.73 -8.33 14.34
C PHE B 207 25.70 -7.56 15.20
N GLY B 208 25.21 -6.88 16.23
CA GLY B 208 26.08 -6.11 17.09
C GLY B 208 26.30 -4.69 16.64
N ILE B 209 25.61 -4.24 15.59
CA ILE B 209 25.58 -2.82 15.27
C ILE B 209 24.75 -2.10 16.34
N ASP B 210 25.15 -0.86 16.68
CA ASP B 210 24.47 -0.13 17.75
C ASP B 210 23.21 0.62 17.27
N ILE B 211 23.21 1.16 16.06
CA ILE B 211 22.13 2.02 15.57
C ILE B 211 21.89 1.69 14.11
N SER B 212 20.63 1.45 13.76
CA SER B 212 20.18 1.20 12.40
C SER B 212 19.37 2.41 11.95
N ILE B 213 19.87 3.09 10.95
CA ILE B 213 19.28 4.32 10.41
C ILE B 213 18.58 3.99 9.10
N GLN B 214 17.39 4.56 8.88
CA GLN B 214 16.74 4.45 7.59
C GLN B 214 16.23 5.79 7.08
N ALA B 215 16.29 5.92 5.77
CA ALA B 215 15.42 6.86 5.07
C ALA B 215 14.08 6.12 4.90
N ALA B 216 13.18 6.34 5.85
CA ALA B 216 11.84 5.74 5.78
C ALA B 216 11.08 6.25 4.57
N THR B 217 11.53 7.38 4.00
CA THR B 217 11.19 7.88 2.67
C THR B 217 11.09 6.79 1.61
N LYS B 218 11.94 5.78 1.69
N LYS B 218 11.91 5.75 1.71
CA LYS B 218 12.02 4.74 0.67
CA LYS B 218 12.03 4.75 0.66
C LYS B 218 10.92 3.70 0.89
C LYS B 218 10.95 3.68 0.76
N TYR B 219 11.26 2.47 1.27
CA TYR B 219 10.26 1.42 1.29
C TYR B 219 9.24 1.54 2.42
N LEU B 220 9.57 2.16 3.55
CA LEU B 220 8.57 2.22 4.61
C LEU B 220 7.37 3.05 4.16
N ILE B 221 7.62 4.26 3.65
CA ILE B 221 6.54 5.05 3.04
C ILE B 221 6.01 4.33 1.81
N GLY B 222 6.90 3.92 0.90
CA GLY B 222 6.57 2.99 -0.17
C GLY B 222 5.85 3.58 -1.36
N HIS B 223 5.63 4.89 -1.41
CA HIS B 223 4.80 5.49 -2.45
C HIS B 223 5.37 6.79 -2.99
N SER B 224 6.60 7.14 -2.66
CA SER B 224 7.31 8.27 -3.23
C SER B 224 6.73 9.61 -2.82
N ASP B 225 5.92 9.67 -1.74
N ASP B 225 5.92 9.65 -1.77
CA ASP B 225 5.14 10.86 -1.37
CA ASP B 225 5.34 10.89 -1.30
C ASP B 225 5.28 11.29 0.09
C ASP B 225 6.00 11.39 -0.02
N GLY B 226 6.29 10.81 0.77
N GLY B 226 5.79 10.71 1.11
CA GLY B 226 6.49 11.21 2.14
CA GLY B 226 6.36 11.21 2.35
C GLY B 226 7.93 11.07 2.50
C GLY B 226 7.89 11.17 2.39
N MET B 227 8.45 12.00 3.28
CA MET B 227 9.86 11.97 3.66
C MET B 227 9.95 11.91 5.17
N ILE B 228 10.88 11.08 5.67
CA ILE B 228 11.01 10.79 7.09
C ILE B 228 12.24 9.93 7.28
N GLY B 229 13.00 10.22 8.34
CA GLY B 229 14.09 9.36 8.76
C GLY B 229 13.82 8.73 10.10
N THR B 230 14.43 7.56 10.31
CA THR B 230 14.36 6.84 11.56
C THR B 230 15.74 6.40 11.99
N ALA B 231 15.94 6.28 13.30
CA ALA B 231 17.16 5.67 13.82
C ALA B 231 16.78 4.85 15.03
N VAL B 232 16.99 3.54 14.94
CA VAL B 232 16.67 2.60 16.00
C VAL B 232 17.98 2.22 16.69
N ALA B 233 18.05 2.47 18.00
CA ALA B 233 19.26 2.25 18.79
C ALA B 233 19.06 1.14 19.81
N ASN B 234 20.16 0.47 20.13
CA ASN B 234 20.18 -0.45 21.26
C ASN B 234 20.14 0.33 22.59
N ALA B 235 20.03 -0.41 23.69
CA ALA B 235 19.88 0.20 25.00
C ALA B 235 21.09 1.03 25.37
N ARG B 236 22.29 0.59 24.95
CA ARG B 236 23.50 1.30 25.30
C ARG B 236 23.52 2.71 24.74
N CYS B 237 22.98 2.91 23.54
CA CYS B 237 23.13 4.18 22.85
C CYS B 237 21.87 5.01 22.80
N TRP B 238 20.75 4.48 23.29
CA TRP B 238 19.47 5.16 23.05
C TRP B 238 19.41 6.54 23.70
N GLU B 239 19.77 6.65 24.98
CA GLU B 239 19.54 7.91 25.67
C GLU B 239 20.32 9.06 25.03
N GLN B 240 21.56 8.81 24.65
CA GLN B 240 22.37 9.83 23.98
C GLN B 240 21.78 10.22 22.64
N LEU B 241 21.34 9.24 21.85
CA LEU B 241 20.70 9.54 20.58
C LEU B 241 19.44 10.37 20.80
N CYS B 242 18.57 9.89 21.68
CA CYS B 242 17.31 10.56 21.93
C CYS B 242 17.52 12.01 22.35
N GLU B 243 18.35 12.21 23.36
CA GLU B 243 18.42 13.55 23.93
C GLU B 243 19.22 14.49 23.05
N ASN B 244 20.27 14.02 22.36
CA ASN B 244 21.04 14.93 21.53
C ASN B 244 20.29 15.26 20.24
N ALA B 245 19.56 14.32 19.67
CA ALA B 245 18.71 14.65 18.53
C ALA B 245 17.62 15.65 18.93
N TYR B 246 17.07 15.50 20.14
CA TYR B 246 16.04 16.41 20.60
C TYR B 246 16.58 17.83 20.77
N LEU B 247 17.84 17.96 21.22
CA LEU B 247 18.47 19.27 21.35
C LEU B 247 18.64 19.95 20.00
N MET B 248 18.70 19.19 18.90
CA MET B 248 18.69 19.74 17.56
C MET B 248 17.28 19.92 17.00
N GLY B 249 16.26 19.69 17.82
CA GLY B 249 14.89 19.89 17.40
C GLY B 249 14.38 18.88 16.41
N GLN B 250 14.95 17.69 16.34
CA GLN B 250 14.57 16.75 15.30
C GLN B 250 13.28 16.04 15.67
N MET B 251 12.36 16.01 14.71
CA MET B 251 11.06 15.37 14.83
C MET B 251 10.52 15.21 13.43
N ILE B 252 9.43 14.45 13.34
CA ILE B 252 8.64 14.36 12.11
C ILE B 252 7.22 14.76 12.47
N ASP B 253 6.46 15.21 11.47
CA ASP B 253 5.06 15.54 11.73
C ASP B 253 4.22 14.28 11.94
N ALA B 254 3.13 14.44 12.69
CA ALA B 254 2.24 13.33 13.02
C ALA B 254 1.68 12.64 11.79
N ASP B 255 1.30 13.39 10.77
CA ASP B 255 0.71 12.76 9.59
C ASP B 255 1.69 11.85 8.88
N THR B 256 2.93 12.29 8.71
CA THR B 256 3.92 11.42 8.07
C THR B 256 4.20 10.20 8.95
N ALA B 257 4.22 10.37 10.27
CA ALA B 257 4.37 9.22 11.14
C ALA B 257 3.26 8.21 10.91
N TYR B 258 2.02 8.68 10.82
CA TYR B 258 0.89 7.81 10.48
C TYR B 258 1.12 7.09 9.16
N MET B 259 1.57 7.82 8.13
N MET B 259 1.58 7.83 8.14
CA MET B 259 1.75 7.20 6.83
CA MET B 259 1.77 7.26 6.82
C MET B 259 2.87 6.18 6.84
C MET B 259 2.91 6.24 6.80
N THR B 260 3.85 6.37 7.72
CA THR B 260 4.96 5.40 7.80
C THR B 260 4.47 4.11 8.45
N SER B 261 3.74 4.24 9.57
CA SER B 261 3.10 3.06 10.16
C SER B 261 2.24 2.34 9.13
N ARG B 262 1.49 3.10 8.32
CA ARG B 262 0.60 2.53 7.33
C ARG B 262 1.37 1.78 6.25
N GLY B 263 2.54 2.32 5.88
CA GLY B 263 3.37 1.64 4.90
C GLY B 263 3.90 0.32 5.39
N LEU B 264 4.16 0.21 6.70
CA LEU B 264 4.64 -1.06 7.24
C LEU B 264 3.70 -2.21 6.89
N ARG B 265 2.40 -1.92 6.82
CA ARG B 265 1.41 -2.99 6.74
C ARG B 265 1.51 -3.76 5.43
N THR B 266 2.00 -3.13 4.37
CA THR B 266 2.14 -3.76 3.06
C THR B 266 3.60 -4.03 2.70
N LEU B 267 4.52 -3.83 3.64
CA LEU B 267 5.94 -3.88 3.30
C LEU B 267 6.36 -5.27 2.85
N GLY B 268 5.82 -6.32 3.49
CA GLY B 268 6.19 -7.67 3.12
C GLY B 268 5.76 -8.03 1.71
N VAL B 269 4.48 -7.77 1.39
CA VAL B 269 4.00 -8.09 0.05
C VAL B 269 4.75 -7.27 -0.98
N ARG B 270 5.03 -6.00 -0.69
CA ARG B 270 5.77 -5.19 -1.64
C ARG B 270 7.17 -5.72 -1.84
N LEU B 271 7.94 -5.90 -0.75
CA LEU B 271 9.33 -6.34 -0.88
C LEU B 271 9.43 -7.65 -1.65
N ARG B 272 8.51 -8.59 -1.44
CA ARG B 272 8.61 -9.85 -2.18
C ARG B 272 8.49 -9.62 -3.67
N GLN B 273 7.61 -8.72 -4.10
CA GLN B 273 7.49 -8.42 -5.52
C GLN B 273 8.73 -7.70 -6.04
N HIS B 274 9.24 -6.71 -5.28
CA HIS B 274 10.45 -6.02 -5.71
C HIS B 274 11.62 -6.99 -5.87
N HIS B 275 11.76 -7.93 -4.95
CA HIS B 275 12.81 -8.95 -5.05
C HIS B 275 12.62 -9.79 -6.31
N GLU B 276 11.42 -10.34 -6.49
N GLU B 276 11.44 -10.39 -6.47
CA GLU B 276 11.15 -11.25 -7.61
CA GLU B 276 11.19 -11.24 -7.63
C GLU B 276 11.34 -10.56 -8.96
C GLU B 276 11.46 -10.49 -8.92
N SER B 277 10.84 -9.33 -9.09
CA SER B 277 10.96 -8.61 -10.34
C SER B 277 12.39 -8.14 -10.57
N SER B 278 13.03 -7.57 -9.56
CA SER B 278 14.36 -7.03 -9.79
C SER B 278 15.37 -8.13 -10.10
N LEU B 279 15.26 -9.28 -9.44
CA LEU B 279 16.22 -10.35 -9.74
C LEU B 279 16.02 -10.87 -11.16
N ARG B 280 14.76 -10.98 -11.61
CA ARG B 280 14.52 -11.37 -13.00
C ARG B 280 15.18 -10.37 -13.96
N VAL B 281 15.02 -9.08 -13.70
CA VAL B 281 15.63 -8.09 -14.58
C VAL B 281 17.15 -8.20 -14.53
N ALA B 282 17.71 -8.36 -13.35
CA ALA B 282 19.15 -8.50 -13.22
C ALA B 282 19.69 -9.72 -13.97
N GLU B 283 18.96 -10.83 -13.90
CA GLU B 283 19.40 -12.04 -14.60
C GLU B 283 19.40 -11.84 -16.11
N TRP B 284 18.39 -11.13 -16.61
CA TRP B 284 18.33 -10.83 -18.04
C TRP B 284 19.46 -9.88 -18.45
N LEU B 285 19.68 -8.82 -17.67
CA LEU B 285 20.76 -7.90 -17.96
C LEU B 285 22.10 -8.60 -17.96
N ALA B 286 22.28 -9.58 -17.06
CA ALA B 286 23.58 -10.22 -16.91
C ALA B 286 23.96 -11.05 -18.12
N GLN B 287 23.00 -11.40 -18.98
CA GLN B 287 23.25 -12.11 -20.22
C GLN B 287 23.21 -11.21 -21.43
N HIS B 288 23.03 -9.91 -21.22
CA HIS B 288 22.77 -9.02 -22.35
C HIS B 288 24.08 -8.55 -22.97
N PRO B 289 24.18 -8.53 -24.30
CA PRO B 289 25.46 -8.12 -24.91
C PRO B 289 25.83 -6.66 -24.69
N GLN B 290 24.89 -5.79 -24.31
CA GLN B 290 25.20 -4.39 -24.10
C GLN B 290 25.47 -4.06 -22.64
N VAL B 291 25.63 -5.07 -21.80
CA VAL B 291 25.84 -4.90 -20.36
C VAL B 291 27.19 -5.48 -19.98
N ALA B 292 28.00 -4.68 -19.29
CA ALA B 292 29.31 -5.10 -18.82
C ALA B 292 29.27 -5.78 -17.46
N ARG B 293 28.37 -5.36 -16.57
CA ARG B 293 28.35 -5.89 -15.21
C ARG B 293 26.99 -5.57 -14.61
N VAL B 294 26.47 -6.47 -13.79
CA VAL B 294 25.27 -6.22 -12.99
C VAL B 294 25.63 -6.21 -11.51
N ASN B 295 25.20 -5.16 -10.81
CA ASN B 295 25.41 -5.01 -9.37
C ASN B 295 24.05 -5.21 -8.69
N HIS B 296 23.75 -6.45 -8.31
CA HIS B 296 22.53 -6.76 -7.59
C HIS B 296 22.92 -7.70 -6.46
N PRO B 297 22.69 -7.33 -5.18
CA PRO B 297 23.11 -8.21 -4.06
C PRO B 297 22.65 -9.63 -4.18
N ALA B 298 21.45 -9.86 -4.76
CA ALA B 298 20.89 -11.20 -4.87
C ALA B 298 21.39 -11.97 -6.08
N LEU B 299 22.15 -11.34 -6.96
CA LEU B 299 22.66 -12.01 -8.14
C LEU B 299 24.00 -12.66 -7.84
N PRO B 300 24.12 -13.98 -7.99
CA PRO B 300 25.43 -14.61 -7.78
C PRO B 300 26.51 -13.92 -8.60
N GLY B 301 27.66 -13.68 -7.97
CA GLY B 301 28.78 -13.01 -8.59
C GLY B 301 28.87 -11.53 -8.28
N SER B 302 27.79 -10.91 -7.82
CA SER B 302 27.84 -9.51 -7.46
C SER B 302 28.69 -9.33 -6.20
N LYS B 303 29.25 -8.13 -6.02
CA LYS B 303 30.21 -7.92 -4.94
C LYS B 303 29.52 -8.06 -3.58
N GLY B 304 30.04 -8.98 -2.76
CA GLY B 304 29.44 -9.25 -1.47
C GLY B 304 28.19 -10.10 -1.50
N HIS B 305 27.85 -10.67 -2.66
CA HIS B 305 26.66 -11.53 -2.76
C HIS B 305 26.69 -12.63 -1.70
N GLU B 306 27.85 -13.22 -1.45
CA GLU B 306 27.89 -14.30 -0.48
C GLU B 306 27.45 -13.81 0.89
N PHE B 307 27.74 -12.55 1.22
CA PHE B 307 27.33 -12.01 2.50
C PHE B 307 25.84 -11.71 2.50
N TRP B 308 25.32 -11.22 1.38
CA TRP B 308 23.87 -11.03 1.25
C TRP B 308 23.15 -12.36 1.47
N LYS B 309 23.65 -13.42 0.84
CA LYS B 309 22.99 -14.72 0.93
C LYS B 309 23.00 -15.23 2.36
N ARG B 310 24.10 -15.00 3.09
CA ARG B 310 24.24 -15.48 4.46
C ARG B 310 23.47 -14.64 5.47
N ASP B 311 23.45 -13.31 5.28
CA ASP B 311 23.08 -12.38 6.33
C ASP B 311 21.71 -11.73 6.13
N PHE B 312 21.13 -11.78 4.94
CA PHE B 312 19.87 -11.12 4.66
C PHE B 312 18.79 -12.17 4.47
N SER B 313 17.55 -11.77 4.74
CA SER B 313 16.40 -12.63 4.57
C SER B 313 15.64 -12.34 3.28
N GLY B 314 16.13 -11.44 2.45
CA GLY B 314 15.53 -11.16 1.16
C GLY B 314 16.22 -9.96 0.55
N SER B 315 15.70 -9.55 -0.60
CA SER B 315 16.17 -8.41 -1.36
C SER B 315 15.05 -7.40 -1.54
N SER B 316 15.43 -6.14 -1.74
CA SER B 316 14.51 -5.14 -2.25
C SER B 316 14.68 -5.04 -3.78
N GLY B 317 14.29 -3.93 -4.36
CA GLY B 317 14.21 -3.79 -5.80
C GLY B 317 15.20 -2.83 -6.43
N LEU B 318 16.14 -2.29 -5.66
CA LEU B 318 17.11 -1.32 -6.17
C LEU B 318 18.42 -2.00 -6.51
N PHE B 319 18.92 -1.76 -7.71
CA PHE B 319 20.21 -2.32 -8.12
C PHE B 319 20.76 -1.49 -9.27
N SER B 320 21.95 -1.84 -9.77
CA SER B 320 22.51 -1.09 -10.88
C SER B 320 23.20 -2.03 -11.86
N PHE B 321 23.51 -1.49 -13.05
CA PHE B 321 24.28 -2.23 -14.03
C PHE B 321 25.14 -1.24 -14.82
N VAL B 322 26.23 -1.76 -15.37
CA VAL B 322 27.17 -0.96 -16.15
C VAL B 322 26.98 -1.30 -17.62
N LEU B 323 26.81 -0.27 -18.44
CA LEU B 323 26.70 -0.45 -19.88
C LEU B 323 28.06 -0.79 -20.48
N ASN B 324 28.03 -1.36 -21.69
CA ASN B 324 29.22 -1.72 -22.44
C ASN B 324 29.96 -0.53 -22.98
N LYS B 325 29.49 0.68 -22.72
CA LYS B 325 30.22 1.88 -23.08
C LYS B 325 29.76 3.01 -22.19
N ARG B 326 30.58 4.05 -22.15
CA ARG B 326 30.15 5.31 -21.57
C ARG B 326 29.33 6.07 -22.60
N LEU B 327 28.08 6.35 -22.27
CA LEU B 327 27.23 7.12 -23.15
C LEU B 327 27.73 8.57 -23.20
N THR B 328 27.81 9.15 -24.39
CA THR B 328 28.06 10.57 -24.45
C THR B 328 26.82 11.32 -23.94
N ASP B 329 26.97 12.63 -23.72
CA ASP B 329 25.81 13.44 -23.36
C ASP B 329 24.65 13.22 -24.33
N ALA B 330 24.93 13.22 -25.62
CA ALA B 330 23.86 13.02 -26.59
C ALA B 330 23.23 11.63 -26.45
N GLU B 331 24.05 10.60 -26.29
CA GLU B 331 23.51 9.25 -26.15
C GLU B 331 22.74 9.09 -24.85
N LEU B 332 23.19 9.76 -23.79
CA LEU B 332 22.49 9.71 -22.51
C LEU B 332 21.06 10.23 -22.67
N ALA B 333 20.88 11.31 -23.43
CA ALA B 333 19.55 11.83 -23.67
C ALA B 333 18.74 10.89 -24.55
N ALA B 334 19.36 10.36 -25.62
CA ALA B 334 18.63 9.45 -26.48
C ALA B 334 18.13 8.25 -25.68
N TYR B 335 18.97 7.75 -24.77
CA TYR B 335 18.59 6.65 -23.90
C TYR B 335 17.50 7.07 -22.92
N LEU B 336 17.81 8.04 -22.06
CA LEU B 336 16.96 8.32 -20.90
C LEU B 336 15.70 9.08 -21.23
N ASP B 337 15.69 9.90 -22.28
CA ASP B 337 14.56 10.78 -22.53
C ASP B 337 13.37 10.03 -23.09
N ASN B 338 13.55 8.80 -23.53
CA ASN B 338 12.56 8.11 -24.35
C ASN B 338 12.05 6.81 -23.73
N PHE B 339 12.22 6.61 -22.42
CA PHE B 339 11.59 5.49 -21.74
C PHE B 339 10.09 5.73 -21.60
N SER B 340 9.32 4.64 -21.67
CA SER B 340 7.87 4.73 -21.59
C SER B 340 7.34 4.44 -20.20
N LEU B 341 8.05 3.61 -19.43
CA LEU B 341 7.58 3.17 -18.12
C LEU B 341 8.47 3.63 -17.00
N PHE B 342 9.78 3.46 -17.13
CA PHE B 342 10.71 3.97 -16.13
C PHE B 342 10.65 5.50 -16.14
N SER B 343 10.58 6.08 -14.95
CA SER B 343 10.71 7.52 -14.76
C SER B 343 12.11 7.87 -14.26
N MET B 344 12.63 9.01 -14.69
CA MET B 344 13.91 9.48 -14.21
C MET B 344 13.71 10.41 -13.02
N ALA B 345 14.26 10.03 -11.87
CA ALA B 345 14.11 10.78 -10.63
C ALA B 345 15.11 10.26 -9.61
N TYR B 346 15.35 11.06 -8.58
CA TYR B 346 16.06 10.60 -7.41
C TYR B 346 15.13 9.82 -6.49
N SER B 347 15.72 9.21 -5.46
N SER B 347 15.78 9.19 -5.50
CA SER B 347 14.98 8.37 -4.51
CA SER B 347 15.19 8.26 -4.53
C SER B 347 14.52 7.08 -5.17
C SER B 347 14.59 7.01 -5.17
N TRP B 348 13.78 6.27 -4.41
CA TRP B 348 13.46 4.89 -4.76
C TRP B 348 12.60 4.33 -3.63
N GLY B 349 12.16 3.09 -3.76
CA GLY B 349 11.38 2.45 -2.73
C GLY B 349 9.89 2.46 -2.96
N GLY B 350 9.41 3.05 -4.05
CA GLY B 350 8.00 3.17 -4.32
C GLY B 350 7.46 2.11 -5.26
N PHE B 351 6.23 2.35 -5.72
CA PHE B 351 5.60 1.47 -6.68
C PHE B 351 6.08 1.73 -8.11
N GLU B 352 6.63 2.89 -8.37
CA GLU B 352 7.07 3.30 -9.70
C GLU B 352 8.50 2.86 -9.94
N SER B 353 8.75 2.28 -11.10
CA SER B 353 10.12 1.99 -11.51
C SER B 353 10.84 3.27 -11.94
N LEU B 354 12.09 3.39 -11.52
CA LEU B 354 12.91 4.59 -11.73
C LEU B 354 14.23 4.21 -12.37
N ILE B 355 14.79 5.17 -13.11
CA ILE B 355 16.09 5.02 -13.76
C ILE B 355 16.90 6.28 -13.50
N LEU B 356 18.19 6.11 -13.23
CA LEU B 356 19.06 7.22 -12.91
C LEU B 356 20.47 6.84 -13.36
N ALA B 357 21.11 7.69 -14.14
CA ALA B 357 22.45 7.43 -14.66
C ALA B 357 23.53 8.17 -13.89
N ASN B 358 24.70 7.54 -13.79
CA ASN B 358 25.90 8.17 -13.27
C ASN B 358 27.05 7.77 -14.16
N GLN B 359 27.84 8.73 -14.58
CA GLN B 359 29.01 8.41 -15.37
C GLN B 359 30.12 7.88 -14.47
N PRO B 360 31.05 7.10 -15.02
CA PRO B 360 32.06 6.50 -14.15
C PRO B 360 32.84 7.55 -13.38
N GLU B 361 33.17 8.67 -14.02
CA GLU B 361 33.93 9.69 -13.32
C GLU B 361 33.11 10.38 -12.24
N HIS B 362 31.79 10.38 -12.38
CA HIS B 362 30.93 10.91 -11.31
C HIS B 362 31.03 10.02 -10.08
N ILE B 363 31.01 8.71 -10.28
CA ILE B 363 31.13 7.79 -9.16
C ILE B 363 32.52 7.90 -8.53
N ALA B 364 33.57 8.00 -9.35
CA ALA B 364 34.90 8.12 -8.79
C ALA B 364 35.00 9.32 -7.86
N ALA B 365 34.33 10.42 -8.22
CA ALA B 365 34.40 11.63 -7.41
C ALA B 365 33.71 11.46 -6.05
N ILE B 366 32.85 10.46 -5.91
CA ILE B 366 32.17 10.20 -4.63
C ILE B 366 32.61 8.87 -4.04
N ARG B 367 33.83 8.44 -4.37
CA ARG B 367 34.47 7.28 -3.75
C ARG B 367 35.78 7.79 -3.18
N PRO B 368 35.76 8.37 -1.99
CA PRO B 368 36.95 9.04 -1.47
C PRO B 368 38.10 8.06 -1.31
N GLU B 369 39.27 8.49 -1.75
CA GLU B 369 40.52 7.74 -1.68
C GLU B 369 40.48 6.44 -2.48
N ALA B 370 39.58 6.37 -3.44
CA ALA B 370 39.42 5.16 -4.24
C ALA B 370 39.14 5.54 -5.69
N GLU B 371 39.30 4.54 -6.55
CA GLU B 371 39.02 4.64 -7.97
C GLU B 371 37.89 3.67 -8.30
N VAL B 372 37.22 3.92 -9.42
CA VAL B 372 36.24 2.95 -9.91
C VAL B 372 36.95 1.90 -10.74
N ASP B 373 36.30 0.76 -10.86
CA ASP B 373 36.81 -0.39 -11.61
C ASP B 373 35.94 -0.71 -12.83
N PHE B 374 35.27 0.30 -13.38
CA PHE B 374 34.47 0.12 -14.58
C PHE B 374 34.59 1.38 -15.41
N SER B 375 34.26 1.26 -16.70
CA SER B 375 34.39 2.37 -17.63
C SER B 375 33.10 2.74 -18.35
N GLY B 376 32.04 1.96 -18.22
CA GLY B 376 30.79 2.31 -18.84
C GLY B 376 29.91 3.16 -17.95
N THR B 377 28.85 3.69 -18.54
CA THR B 377 27.86 4.43 -17.77
C THR B 377 27.16 3.47 -16.81
N LEU B 378 26.98 3.91 -15.57
CA LEU B 378 26.30 3.14 -14.55
C LEU B 378 24.83 3.55 -14.48
N ILE B 379 23.94 2.59 -14.71
CA ILE B 379 22.49 2.82 -14.70
C ILE B 379 21.95 2.19 -13.43
N ARG B 380 21.32 2.99 -12.57
CA ARG B 380 20.66 2.48 -11.39
C ARG B 380 19.17 2.36 -11.66
N LEU B 381 18.62 1.18 -11.41
CA LEU B 381 17.21 0.91 -11.56
C LEU B 381 16.58 0.68 -10.21
N HIS B 382 15.39 1.28 -10.06
CA HIS B 382 14.50 0.87 -8.96
C HIS B 382 13.37 0.12 -9.66
N ILE B 383 13.22 -1.16 -9.38
CA ILE B 383 12.17 -1.97 -9.98
C ILE B 383 10.94 -1.91 -9.08
N GLY B 384 9.89 -1.29 -9.59
CA GLY B 384 8.63 -1.13 -8.92
C GLY B 384 7.71 -2.29 -9.12
N LEU B 385 6.40 -1.99 -9.13
CA LEU B 385 5.35 -3.01 -9.10
C LEU B 385 4.73 -3.29 -10.49
N GLU B 386 5.27 -2.72 -11.56
CA GLU B 386 4.74 -2.96 -12.89
C GLU B 386 5.02 -4.41 -13.31
N ASN B 387 4.35 -4.83 -14.37
CA ASN B 387 4.61 -6.15 -14.91
C ASN B 387 6.04 -6.21 -15.44
N VAL B 388 6.78 -7.25 -15.03
CA VAL B 388 8.20 -7.29 -15.33
C VAL B 388 8.46 -7.42 -16.83
N ASP B 389 7.59 -8.10 -17.56
CA ASP B 389 7.79 -8.18 -19.01
C ASP B 389 7.67 -6.81 -19.68
N ASP B 390 6.78 -5.95 -19.17
CA ASP B 390 6.68 -4.60 -19.69
C ASP B 390 7.96 -3.81 -19.39
N LEU B 391 8.51 -3.97 -18.18
CA LEU B 391 9.76 -3.31 -17.84
C LEU B 391 10.91 -3.78 -18.72
N LEU B 392 10.97 -5.10 -18.97
CA LEU B 392 12.00 -5.62 -19.84
C LEU B 392 11.88 -5.06 -21.26
N ALA B 393 10.65 -4.92 -21.76
CA ALA B 393 10.46 -4.35 -23.08
C ALA B 393 10.94 -2.90 -23.12
N ASP B 394 10.70 -2.15 -22.04
CA ASP B 394 11.17 -0.77 -21.98
C ASP B 394 12.70 -0.72 -21.98
N LEU B 395 13.34 -1.59 -21.19
CA LEU B 395 14.79 -1.66 -21.20
C LEU B 395 15.32 -2.05 -22.57
N ALA B 396 14.67 -3.01 -23.24
CA ALA B 396 15.11 -3.44 -24.58
C ALA B 396 15.01 -2.30 -25.58
N ALA B 397 13.94 -1.52 -25.51
CA ALA B 397 13.83 -0.38 -26.41
C ALA B 397 14.94 0.62 -26.13
N GLY B 398 15.28 0.81 -24.86
CA GLY B 398 16.41 1.67 -24.52
C GLY B 398 17.72 1.18 -25.12
N PHE B 399 17.99 -0.11 -25.00
CA PHE B 399 19.22 -0.65 -25.60
C PHE B 399 19.24 -0.39 -27.10
N ALA B 400 18.10 -0.53 -27.77
CA ALA B 400 18.09 -0.33 -29.21
C ALA B 400 18.40 1.11 -29.57
N ARG B 401 18.15 2.07 -28.67
CA ARG B 401 18.45 3.46 -28.93
C ARG B 401 19.92 3.79 -28.83
N ILE B 402 20.73 2.91 -28.23
CA ILE B 402 22.14 3.19 -28.01
C ILE B 402 23.05 2.13 -28.63
N VAL B 403 22.50 1.17 -29.36
CA VAL B 403 23.28 0.04 -29.85
C VAL B 403 24.25 0.54 -30.90
#